data_9W1O
#
_entry.id   9W1O
#
_cell.length_a   1.00
_cell.length_b   1.00
_cell.length_c   1.00
_cell.angle_alpha   90.00
_cell.angle_beta   90.00
_cell.angle_gamma   90.00
#
_symmetry.space_group_name_H-M   'P 1'
#
loop_
_entity.id
_entity.type
_entity.pdbx_description
1 polymer 'Glucose-6-phosphate exchanger SLC37A4'
2 non-polymer 'PHOSPHATE ION'
#
_entity_poly.entity_id   1
_entity_poly.type   'polypeptide(L)'
_entity_poly.pdbx_seq_one_letter_code
;MAAQGYGYYRTVIFSAMFGGYSLYYFNRKTFSFVMPSLVEEIPLDKDDLGFITSSQSAAYAISKFVSGVLSDQMSARWLF
SSGLLLVGLVNIFFAWSSTVPVFAALWFLNGLAQGLGWPPCGKVLRKWFEPSQFGTWWAILSTSMNLAGGLGPILATILA
QSYSWRSTLALSGALCVVVSFLCLLLIHNEPADVGLRNLDPMPSEGKKGSLKEESTLQELLLSPYLWVLSTGYLVVFGVK
TCCTDWGQFFLIQEKGQSALVGSSYMSALEVGGLVGSIAAGYLSDRAMAKAGLSNYGNPRHGLLLFMMAGMTVSMYLFRV
TVTSDSPKLWILVLGAVFGFSSYGPIALFGVIANESAPPNLCGTSHAIVGLMANVGGFLAGLPFSTIAKHYSWSTAFWVA
EVICAASTAAFFLLRNIRTKMGRVSKKAELEGGSLEVLFQ
;
_entity_poly.pdbx_strand_id   A,B
#
loop_
_chem_comp.id
_chem_comp.type
_chem_comp.name
_chem_comp.formula
PO4 non-polymer 'PHOSPHATE ION' 'O4 P -3'
#
# COMPACT_ATOMS: atom_id res chain seq x y z
N GLY A 5 8.65 27.94 -40.70
CA GLY A 5 8.12 26.60 -40.88
C GLY A 5 7.37 26.10 -39.67
N TYR A 6 7.36 24.77 -39.48
CA TYR A 6 6.76 24.14 -38.31
C TYR A 6 7.84 23.62 -37.36
N GLY A 7 8.72 22.75 -37.86
CA GLY A 7 9.84 22.30 -37.07
C GLY A 7 10.84 23.40 -36.76
N TYR A 8 10.89 24.43 -37.61
CA TYR A 8 11.71 25.60 -37.31
C TYR A 8 11.20 26.33 -36.08
N TYR A 9 9.88 26.51 -35.98
CA TYR A 9 9.32 27.16 -34.80
C TYR A 9 9.42 26.27 -33.58
N ARG A 10 9.37 24.95 -33.77
CA ARG A 10 9.63 24.03 -32.66
C ARG A 10 11.06 24.18 -32.14
N THR A 11 12.02 24.33 -33.05
CA THR A 11 13.40 24.56 -32.67
C THR A 11 13.59 25.89 -31.95
N VAL A 12 12.96 26.95 -32.46
CA VAL A 12 13.09 28.29 -31.87
C VAL A 12 12.47 28.33 -30.48
N ILE A 13 11.27 27.79 -30.34
CA ILE A 13 10.58 27.79 -29.05
C ILE A 13 11.29 26.88 -28.05
N PHE A 14 11.86 25.76 -28.50
CA PHE A 14 12.60 24.92 -27.58
C PHE A 14 13.91 25.56 -27.16
N SER A 15 14.56 26.31 -28.06
CA SER A 15 15.77 27.03 -27.67
C SER A 15 15.45 28.13 -26.67
N ALA A 16 14.31 28.80 -26.84
CA ALA A 16 13.90 29.81 -25.89
C ALA A 16 13.57 29.21 -24.52
N MET A 17 12.86 28.07 -24.51
CA MET A 17 12.57 27.42 -23.23
C MET A 17 13.82 26.82 -22.61
N PHE A 18 14.78 26.38 -23.43
CA PHE A 18 16.05 25.86 -22.92
C PHE A 18 16.84 26.95 -22.21
N GLY A 19 17.00 28.10 -22.87
CA GLY A 19 17.67 29.22 -22.22
C GLY A 19 16.93 29.73 -21.00
N GLY A 20 15.61 29.79 -21.08
CA GLY A 20 14.83 30.31 -19.96
C GLY A 20 14.84 29.40 -18.75
N TYR A 21 14.72 28.10 -18.96
CA TYR A 21 14.69 27.19 -17.82
C TYR A 21 16.10 26.88 -17.31
N SER A 22 17.12 27.03 -18.16
CA SER A 22 18.49 26.99 -17.67
C SER A 22 18.77 28.18 -16.77
N LEU A 23 18.32 29.37 -17.15
CA LEU A 23 18.48 30.52 -16.27
C LEU A 23 17.58 30.42 -15.05
N TYR A 24 16.44 29.74 -15.16
CA TYR A 24 15.63 29.39 -14.00
C TYR A 24 16.42 28.58 -12.99
N TYR A 25 17.05 27.49 -13.42
CA TYR A 25 17.71 26.65 -12.42
C TYR A 25 19.00 27.30 -11.91
N PHE A 26 19.70 28.04 -12.76
CA PHE A 26 20.88 28.75 -12.30
C PHE A 26 20.52 29.85 -11.31
N ASN A 27 19.44 30.60 -11.55
CA ASN A 27 18.99 31.60 -10.61
C ASN A 27 18.07 31.03 -9.55
N ARG A 28 17.83 29.73 -9.59
CA ARG A 28 17.20 29.01 -8.50
C ARG A 28 18.22 28.65 -7.45
N LYS A 29 19.44 28.30 -7.89
CA LYS A 29 20.47 27.89 -6.95
C LYS A 29 21.72 28.75 -7.00
N THR A 30 21.61 30.01 -7.44
CA THR A 30 22.76 30.92 -7.43
C THR A 30 23.26 31.20 -6.01
N PHE A 31 22.35 31.41 -5.06
CA PHE A 31 22.76 31.68 -3.68
C PHE A 31 23.46 30.49 -3.04
N SER A 32 23.13 29.27 -3.44
CA SER A 32 23.95 28.14 -3.03
C SER A 32 25.20 27.97 -3.90
N PHE A 33 25.24 28.59 -5.08
CA PHE A 33 26.45 28.53 -5.89
C PHE A 33 27.45 29.60 -5.45
N VAL A 34 26.98 30.80 -5.13
CA VAL A 34 27.84 31.88 -4.70
C VAL A 34 27.96 31.92 -3.17
N MET A 35 27.47 30.87 -2.51
CA MET A 35 27.55 30.72 -1.05
C MET A 35 28.94 30.90 -0.42
N PRO A 36 30.06 30.37 -0.95
CA PRO A 36 31.33 30.61 -0.25
C PRO A 36 31.80 32.05 -0.27
N SER A 37 31.63 32.76 -1.40
CA SER A 37 31.97 34.18 -1.43
C SER A 37 31.09 35.00 -0.50
N LEU A 38 29.83 34.61 -0.36
CA LEU A 38 28.93 35.38 0.49
C LEU A 38 29.17 35.09 1.97
N VAL A 39 29.57 33.86 2.33
CA VAL A 39 29.91 33.62 3.73
C VAL A 39 31.31 34.13 4.06
N GLU A 40 32.15 34.37 3.05
CA GLU A 40 33.37 35.13 3.29
C GLU A 40 33.05 36.61 3.50
N GLU A 41 32.03 37.12 2.80
CA GLU A 41 31.66 38.52 2.95
C GLU A 41 30.92 38.76 4.26
N ILE A 42 29.77 38.13 4.44
CA ILE A 42 28.97 38.33 5.66
C ILE A 42 28.89 37.01 6.44
N PRO A 43 28.96 37.06 7.76
CA PRO A 43 28.86 35.82 8.56
C PRO A 43 27.41 35.41 8.75
N LEU A 44 27.08 34.19 8.34
CA LEU A 44 25.74 33.65 8.50
C LEU A 44 25.81 32.27 9.12
N ASP A 45 24.81 31.97 9.94
CA ASP A 45 24.74 30.69 10.63
C ASP A 45 24.36 29.58 9.63
N LYS A 46 24.70 28.34 9.99
CA LYS A 46 24.23 27.20 9.21
C LYS A 46 22.72 27.06 9.30
N ASP A 47 22.15 27.35 10.47
CA ASP A 47 20.70 27.35 10.60
C ASP A 47 20.07 28.51 9.85
N ASP A 48 20.81 29.61 9.69
CA ASP A 48 20.31 30.75 8.93
C ASP A 48 20.22 30.41 7.45
N LEU A 49 21.27 29.79 6.90
CA LEU A 49 21.27 29.34 5.51
C LEU A 49 20.25 28.23 5.30
N GLY A 50 20.07 27.36 6.29
CA GLY A 50 19.03 26.35 6.23
C GLY A 50 17.64 26.94 6.23
N PHE A 51 17.44 28.05 6.96
CA PHE A 51 16.15 28.72 6.93
C PHE A 51 15.89 29.39 5.60
N ILE A 52 16.93 29.99 4.99
CA ILE A 52 16.76 30.63 3.68
C ILE A 52 16.44 29.59 2.59
N THR A 53 17.22 28.50 2.56
CA THR A 53 16.98 27.46 1.56
C THR A 53 15.68 26.70 1.86
N SER A 54 15.28 26.60 3.12
CA SER A 54 14.00 25.97 3.42
C SER A 54 12.84 26.88 3.05
N SER A 55 13.02 28.20 3.13
CA SER A 55 12.00 29.12 2.64
C SER A 55 11.84 28.98 1.14
N GLN A 56 12.95 28.85 0.40
CA GLN A 56 12.85 28.63 -1.03
C GLN A 56 12.21 27.29 -1.34
N SER A 57 12.53 26.25 -0.56
CA SER A 57 11.96 24.93 -0.83
C SER A 57 10.46 24.90 -0.55
N ALA A 58 10.03 25.54 0.52
CA ALA A 58 8.59 25.60 0.83
C ALA A 58 7.84 26.42 -0.20
N ALA A 59 8.37 27.58 -0.56
CA ALA A 59 7.72 28.41 -1.57
C ALA A 59 7.75 27.76 -2.94
N TYR A 60 8.80 27.02 -3.26
CA TYR A 60 8.89 26.35 -4.55
C TYR A 60 7.95 25.17 -4.62
N ALA A 61 7.71 24.47 -3.50
CA ALA A 61 6.70 23.42 -3.49
C ALA A 61 5.31 23.99 -3.68
N ILE A 62 4.97 25.01 -2.88
CA ILE A 62 3.68 25.68 -2.97
C ILE A 62 3.49 26.31 -4.35
N SER A 63 4.57 26.81 -4.94
CA SER A 63 4.46 27.46 -6.23
C SER A 63 4.50 26.51 -7.42
N LYS A 64 5.15 25.34 -7.29
CA LYS A 64 4.94 24.29 -8.30
C LYS A 64 3.48 23.89 -8.35
N PHE A 65 2.84 23.72 -7.19
CA PHE A 65 1.43 23.34 -7.19
C PHE A 65 0.54 24.46 -7.73
N VAL A 66 0.73 25.68 -7.21
CA VAL A 66 -0.10 26.82 -7.60
C VAL A 66 0.13 27.18 -9.06
N SER A 67 1.36 27.06 -9.54
CA SER A 67 1.64 27.38 -10.93
C SER A 67 1.18 26.31 -11.88
N GLY A 68 1.19 25.04 -11.47
CA GLY A 68 0.59 24.01 -12.30
C GLY A 68 -0.91 24.21 -12.43
N VAL A 69 -1.56 24.61 -11.34
CA VAL A 69 -2.99 24.91 -11.41
C VAL A 69 -3.26 26.16 -12.26
N LEU A 70 -2.37 27.16 -12.17
CA LEU A 70 -2.57 28.39 -12.93
C LEU A 70 -2.23 28.24 -14.40
N SER A 71 -1.26 27.38 -14.75
CA SER A 71 -0.76 27.33 -16.12
C SER A 71 -1.78 26.81 -17.11
N ASP A 72 -2.83 26.17 -16.64
CA ASP A 72 -3.94 25.76 -17.48
C ASP A 72 -5.00 26.84 -17.60
N GLN A 73 -4.88 27.93 -16.84
CA GLN A 73 -5.81 29.04 -16.93
C GLN A 73 -5.30 30.14 -17.85
N MET A 74 -4.16 30.75 -17.52
CA MET A 74 -3.62 31.81 -18.36
C MET A 74 -2.47 31.28 -19.20
N SER A 75 -1.94 32.16 -20.05
CA SER A 75 -1.07 31.75 -21.14
C SER A 75 0.31 31.35 -20.62
N ALA A 76 0.90 30.35 -21.27
CA ALA A 76 2.20 29.84 -20.83
C ALA A 76 3.33 30.78 -21.21
N ARG A 77 3.17 31.55 -22.29
CA ARG A 77 4.18 32.52 -22.69
C ARG A 77 4.34 33.63 -21.67
N TRP A 78 3.23 34.28 -21.31
CA TRP A 78 3.30 35.37 -20.34
C TRP A 78 3.64 34.88 -18.95
N LEU A 79 3.23 33.66 -18.60
CA LEU A 79 3.55 33.12 -17.27
C LEU A 79 5.04 32.77 -17.18
N PHE A 80 5.59 32.17 -18.24
CA PHE A 80 7.02 31.87 -18.30
C PHE A 80 7.86 33.15 -18.28
N SER A 81 7.47 34.13 -19.10
CA SER A 81 8.23 35.37 -19.17
C SER A 81 8.12 36.18 -17.89
N SER A 82 6.96 36.14 -17.24
CA SER A 82 6.79 36.82 -15.97
C SER A 82 7.58 36.14 -14.87
N GLY A 83 7.65 34.81 -14.90
CA GLY A 83 8.51 34.10 -13.97
C GLY A 83 9.97 34.47 -14.14
N LEU A 84 10.43 34.56 -15.38
CA LEU A 84 11.85 34.85 -15.60
C LEU A 84 12.17 36.31 -15.29
N LEU A 85 11.26 37.23 -15.60
CA LEU A 85 11.45 38.63 -15.24
C LEU A 85 11.43 38.81 -13.72
N LEU A 86 10.57 38.07 -13.02
CA LEU A 86 10.46 38.26 -11.59
C LEU A 86 11.63 37.61 -10.86
N VAL A 87 12.16 36.51 -11.40
CA VAL A 87 13.39 35.91 -10.89
C VAL A 87 14.58 36.86 -11.08
N GLY A 88 14.65 37.51 -12.24
CA GLY A 88 15.71 38.49 -12.47
C GLY A 88 15.61 39.70 -11.56
N LEU A 89 14.39 40.18 -11.31
CA LEU A 89 14.21 41.28 -10.37
C LEU A 89 14.54 40.88 -8.94
N VAL A 90 14.28 39.62 -8.58
CA VAL A 90 14.68 39.13 -7.27
C VAL A 90 16.19 39.09 -7.13
N ASN A 91 16.91 38.61 -8.16
CA ASN A 91 18.36 38.56 -8.04
C ASN A 91 19.00 39.94 -8.10
N ILE A 92 18.39 40.90 -8.81
CA ILE A 92 18.85 42.29 -8.75
C ILE A 92 18.67 42.85 -7.33
N PHE A 93 17.49 42.68 -6.76
CA PHE A 93 17.23 43.17 -5.41
C PHE A 93 17.99 42.38 -4.35
N PHE A 94 18.40 41.16 -4.65
CA PHE A 94 19.11 40.29 -3.73
C PHE A 94 20.59 40.64 -3.70
N ALA A 95 21.13 41.01 -4.85
CA ALA A 95 22.44 41.64 -4.89
C ALA A 95 22.40 43.00 -4.21
N TRP A 96 21.27 43.70 -4.28
CA TRP A 96 21.14 44.99 -3.61
C TRP A 96 20.62 44.88 -2.18
N SER A 97 20.84 43.74 -1.52
CA SER A 97 20.35 43.50 -0.18
C SER A 97 21.50 43.15 0.74
N SER A 98 21.33 43.47 2.03
CA SER A 98 22.39 43.28 3.01
C SER A 98 21.91 42.58 4.27
N THR A 99 20.65 42.76 4.64
CA THR A 99 20.13 42.26 5.91
C THR A 99 19.40 40.94 5.73
N VAL A 100 19.35 40.17 6.83
CA VAL A 100 19.00 38.74 6.74
C VAL A 100 17.54 38.47 6.43
N PRO A 101 16.53 39.10 7.09
CA PRO A 101 15.14 38.83 6.67
C PRO A 101 14.82 39.29 5.26
N VAL A 102 15.54 40.27 4.73
CA VAL A 102 15.40 40.65 3.33
C VAL A 102 15.89 39.52 2.43
N PHE A 103 17.02 38.89 2.79
CA PHE A 103 17.49 37.69 2.08
C PHE A 103 16.45 36.58 2.11
N ALA A 104 15.91 36.29 3.30
CA ALA A 104 14.99 35.16 3.45
C ALA A 104 13.68 35.39 2.73
N ALA A 105 13.09 36.59 2.85
CA ALA A 105 11.82 36.87 2.21
C ALA A 105 11.97 37.01 0.70
N LEU A 106 13.07 37.62 0.25
CA LEU A 106 13.26 37.78 -1.18
C LEU A 106 13.61 36.44 -1.84
N TRP A 107 14.22 35.54 -1.08
CA TRP A 107 14.52 34.23 -1.64
C TRP A 107 13.30 33.30 -1.56
N PHE A 108 12.41 33.54 -0.60
CA PHE A 108 11.06 32.98 -0.63
C PHE A 108 10.34 33.40 -1.91
N LEU A 109 10.43 34.68 -2.24
CA LEU A 109 9.73 35.20 -3.41
C LEU A 109 10.37 34.69 -4.70
N ASN A 110 11.68 34.41 -4.65
CA ASN A 110 12.33 33.70 -5.75
C ASN A 110 11.83 32.26 -5.84
N GLY A 111 11.58 31.60 -4.71
CA GLY A 111 11.04 30.25 -4.76
C GLY A 111 9.65 30.22 -5.37
N LEU A 112 8.86 31.26 -5.11
CA LEU A 112 7.57 31.42 -5.79
C LEU A 112 7.74 31.57 -7.29
N ALA A 113 8.62 32.49 -7.71
CA ALA A 113 8.78 32.70 -9.15
C ALA A 113 9.52 31.56 -9.84
N GLN A 114 10.22 30.71 -9.09
CA GLN A 114 10.82 29.52 -9.66
C GLN A 114 9.82 28.40 -9.83
N GLY A 115 8.87 28.28 -8.89
CA GLY A 115 7.76 27.39 -9.14
C GLY A 115 6.90 27.85 -10.30
N LEU A 116 6.84 29.15 -10.54
CA LEU A 116 5.98 29.72 -11.57
C LEU A 116 6.52 29.51 -13.00
N GLY A 117 7.56 28.70 -13.20
CA GLY A 117 8.17 28.61 -14.51
C GLY A 117 8.10 27.32 -15.31
N TRP A 118 8.19 26.16 -14.68
CA TRP A 118 8.18 24.89 -15.41
C TRP A 118 6.83 24.42 -15.98
N PRO A 119 5.67 24.58 -15.32
CA PRO A 119 4.40 24.22 -15.98
C PRO A 119 4.08 25.02 -17.25
N PRO A 120 4.56 26.27 -17.42
CA PRO A 120 4.56 26.80 -18.80
C PRO A 120 5.36 26.00 -19.80
N CYS A 121 6.53 25.48 -19.41
CA CYS A 121 7.27 24.62 -20.32
C CYS A 121 6.52 23.33 -20.61
N GLY A 122 5.84 22.77 -19.61
CA GLY A 122 5.03 21.59 -19.84
C GLY A 122 3.87 21.85 -20.79
N LYS A 123 3.20 23.00 -20.64
CA LYS A 123 2.11 23.34 -21.53
C LYS A 123 2.58 23.58 -22.95
N VAL A 124 3.71 24.25 -23.12
CA VAL A 124 4.21 24.53 -24.47
C VAL A 124 4.71 23.26 -25.13
N LEU A 125 5.37 22.37 -24.37
CA LEU A 125 5.80 21.09 -24.93
C LEU A 125 4.61 20.20 -25.26
N ARG A 126 3.51 20.31 -24.52
CA ARG A 126 2.31 19.56 -24.86
C ARG A 126 1.68 20.09 -26.14
N LYS A 127 1.52 21.40 -26.24
CA LYS A 127 0.80 21.98 -27.37
C LYS A 127 1.63 22.00 -28.65
N TRP A 128 2.95 21.83 -28.57
CA TRP A 128 3.79 21.96 -29.74
C TRP A 128 4.42 20.68 -30.24
N PHE A 129 4.65 19.71 -29.37
CA PHE A 129 5.39 18.51 -29.75
C PHE A 129 4.47 17.30 -29.78
N GLU A 130 4.69 16.45 -30.78
CA GLU A 130 3.90 15.25 -30.97
C GLU A 130 4.13 14.28 -29.80
N PRO A 131 3.18 13.40 -29.49
CA PRO A 131 3.42 12.39 -28.46
C PRO A 131 4.50 11.38 -28.83
N SER A 132 4.81 11.23 -30.12
CA SER A 132 6.00 10.51 -30.53
C SER A 132 7.29 11.31 -30.30
N GLN A 133 7.19 12.60 -29.98
CA GLN A 133 8.38 13.43 -29.80
C GLN A 133 8.23 14.32 -28.58
N PHE A 134 7.55 13.84 -27.55
CA PHE A 134 7.26 14.62 -26.36
C PHE A 134 8.16 14.28 -25.19
N GLY A 135 8.37 12.98 -24.94
CA GLY A 135 9.23 12.59 -23.84
C GLY A 135 10.69 12.93 -24.05
N THR A 136 11.16 12.86 -25.30
CA THR A 136 12.56 13.15 -25.55
C THR A 136 12.86 14.64 -25.40
N TRP A 137 11.92 15.51 -25.77
CA TRP A 137 12.17 16.93 -25.60
C TRP A 137 11.82 17.41 -24.21
N TRP A 138 10.93 16.71 -23.50
CA TRP A 138 10.81 16.87 -22.05
C TRP A 138 12.13 16.55 -21.37
N ALA A 139 12.77 15.46 -21.77
CA ALA A 139 14.02 15.03 -21.15
C ALA A 139 15.16 15.97 -21.49
N ILE A 140 15.17 16.54 -22.69
CA ILE A 140 16.21 17.53 -22.99
C ILE A 140 15.90 18.86 -22.29
N LEU A 141 14.63 19.17 -22.06
CA LEU A 141 14.33 20.40 -21.34
C LEU A 141 14.57 20.26 -19.83
N SER A 142 14.65 19.03 -19.32
CA SER A 142 15.16 18.81 -17.97
C SER A 142 16.67 18.62 -17.95
N THR A 143 17.26 18.23 -19.08
CA THR A 143 18.71 18.28 -19.23
C THR A 143 19.20 19.72 -19.25
N SER A 144 18.33 20.68 -19.58
CA SER A 144 18.61 22.09 -19.33
C SER A 144 18.86 22.36 -17.86
N MET A 145 18.01 21.81 -16.98
CA MET A 145 18.21 21.92 -15.54
C MET A 145 19.51 21.27 -15.11
N ASN A 146 19.79 20.08 -15.64
CA ASN A 146 21.02 19.39 -15.27
C ASN A 146 22.26 20.11 -15.78
N LEU A 147 22.17 20.73 -16.96
CA LEU A 147 23.29 21.49 -17.51
C LEU A 147 23.51 22.77 -16.73
N ALA A 148 22.42 23.40 -16.26
CA ALA A 148 22.57 24.56 -15.40
C ALA A 148 23.19 24.18 -14.07
N GLY A 149 22.81 23.03 -13.51
CA GLY A 149 23.45 22.56 -12.31
C GLY A 149 24.89 22.12 -12.48
N GLY A 150 25.28 21.74 -13.70
CA GLY A 150 26.65 21.36 -13.96
C GLY A 150 27.57 22.53 -14.27
N LEU A 151 27.05 23.52 -14.99
CA LEU A 151 27.83 24.69 -15.38
C LEU A 151 27.61 25.86 -14.42
N GLY A 152 26.79 25.69 -13.40
CA GLY A 152 26.52 26.72 -12.43
C GLY A 152 27.60 26.98 -11.40
N PRO A 153 28.04 25.95 -10.66
CA PRO A 153 29.17 26.16 -9.74
C PRO A 153 30.46 26.55 -10.44
N ILE A 154 30.67 26.11 -11.68
CA ILE A 154 31.88 26.48 -12.42
C ILE A 154 31.88 27.97 -12.75
N LEU A 155 30.82 28.45 -13.42
CA LEU A 155 30.74 29.85 -13.79
C LEU A 155 30.58 30.74 -12.57
N ALA A 156 29.86 30.27 -11.55
CA ALA A 156 29.72 31.05 -10.33
C ALA A 156 31.02 31.11 -9.54
N THR A 157 31.84 30.05 -9.59
CA THR A 157 33.14 30.07 -8.93
C THR A 157 34.10 31.00 -9.67
N ILE A 158 34.03 31.03 -11.00
CA ILE A 158 34.85 31.96 -11.76
C ILE A 158 34.41 33.40 -11.51
N LEU A 159 33.11 33.66 -11.49
CA LEU A 159 32.63 35.02 -11.27
C LEU A 159 32.78 35.46 -9.82
N ALA A 160 32.87 34.51 -8.88
CA ALA A 160 33.14 34.85 -7.49
C ALA A 160 34.62 34.99 -7.21
N GLN A 161 35.47 34.34 -8.00
CA GLN A 161 36.90 34.62 -7.92
C GLN A 161 37.22 35.98 -8.53
N SER A 162 36.59 36.31 -9.65
CA SER A 162 36.87 37.58 -10.31
C SER A 162 36.12 38.74 -9.65
N TYR A 163 34.79 38.67 -9.65
CA TYR A 163 33.96 39.72 -9.10
C TYR A 163 33.44 39.30 -7.72
N SER A 164 32.54 40.11 -7.17
CA SER A 164 31.92 39.80 -5.90
C SER A 164 30.63 39.01 -6.13
N TRP A 165 29.92 38.72 -5.03
CA TRP A 165 28.63 38.05 -5.15
C TRP A 165 27.55 39.02 -5.62
N ARG A 166 27.68 40.30 -5.28
CA ARG A 166 26.71 41.29 -5.72
C ARG A 166 26.80 41.53 -7.22
N SER A 167 28.03 41.59 -7.75
CA SER A 167 28.18 41.77 -9.19
C SER A 167 27.72 40.54 -9.96
N THR A 168 27.97 39.35 -9.42
CA THR A 168 27.56 38.10 -10.08
C THR A 168 26.04 37.96 -10.09
N LEU A 169 25.40 38.17 -8.93
CA LEU A 169 23.94 38.16 -8.84
C LEU A 169 23.31 39.26 -9.67
N ALA A 170 23.95 40.43 -9.77
CA ALA A 170 23.38 41.50 -10.59
C ALA A 170 23.46 41.17 -12.07
N LEU A 171 24.58 40.59 -12.51
CA LEU A 171 24.69 40.19 -13.91
C LEU A 171 23.74 39.05 -14.25
N SER A 172 23.53 38.11 -13.31
CA SER A 172 22.62 37.01 -13.58
C SER A 172 21.16 37.46 -13.55
N GLY A 173 20.82 38.40 -12.66
CA GLY A 173 19.48 38.95 -12.66
C GLY A 173 19.19 39.78 -13.90
N ALA A 174 20.17 40.58 -14.33
CA ALA A 174 20.02 41.34 -15.57
C ALA A 174 19.92 40.43 -16.78
N LEU A 175 20.64 39.30 -16.76
CA LEU A 175 20.51 38.33 -17.84
C LEU A 175 19.13 37.70 -17.87
N CYS A 176 18.55 37.42 -16.69
CA CYS A 176 17.18 36.92 -16.69
C CYS A 176 16.17 37.96 -17.15
N VAL A 177 16.40 39.23 -16.84
CA VAL A 177 15.49 40.28 -17.31
C VAL A 177 15.57 40.41 -18.84
N VAL A 178 16.76 40.26 -19.42
CA VAL A 178 16.89 40.32 -20.88
C VAL A 178 16.28 39.08 -21.53
N VAL A 179 16.56 37.89 -20.99
CA VAL A 179 16.05 36.66 -21.56
C VAL A 179 14.54 36.50 -21.30
N SER A 180 13.98 37.22 -20.33
CA SER A 180 12.53 37.20 -20.17
C SER A 180 11.82 37.87 -21.33
N PHE A 181 12.35 39.00 -21.82
CA PHE A 181 11.76 39.61 -23.00
C PHE A 181 12.08 38.82 -24.26
N LEU A 182 13.25 38.19 -24.32
CA LEU A 182 13.56 37.35 -25.47
C LEU A 182 12.69 36.09 -25.51
N CYS A 183 12.30 35.56 -24.36
CA CYS A 183 11.35 34.46 -24.31
C CYS A 183 9.91 34.92 -24.44
N LEU A 184 9.64 36.19 -24.20
CA LEU A 184 8.32 36.71 -24.57
C LEU A 184 8.20 36.85 -26.06
N LEU A 185 9.30 37.12 -26.74
CA LEU A 185 9.24 37.31 -28.19
C LEU A 185 9.45 36.02 -28.98
N LEU A 186 10.08 34.99 -28.39
CA LEU A 186 10.40 33.78 -29.14
C LEU A 186 9.65 32.54 -28.68
N ILE A 187 8.52 32.70 -28.00
CA ILE A 187 7.69 31.58 -27.57
C ILE A 187 6.27 31.83 -28.09
N HIS A 188 5.63 30.78 -28.58
CA HIS A 188 4.21 30.82 -28.86
C HIS A 188 3.57 29.65 -28.15
N ASN A 189 2.63 29.93 -27.25
CA ASN A 189 2.05 28.91 -26.39
C ASN A 189 1.21 27.88 -27.13
N GLU A 190 0.82 28.15 -28.38
CA GLU A 190 0.16 27.16 -29.22
C GLU A 190 0.36 27.58 -30.67
N PRO A 191 0.33 26.64 -31.61
CA PRO A 191 0.51 27.01 -33.03
C PRO A 191 -0.68 27.73 -33.64
N ALA A 192 -1.79 27.86 -32.92
CA ALA A 192 -2.92 28.63 -33.42
C ALA A 192 -2.61 30.12 -33.51
N ASP A 193 -1.62 30.61 -32.78
CA ASP A 193 -1.26 32.01 -32.87
C ASP A 193 -0.50 32.28 -34.17
N VAL A 194 0.31 31.34 -34.61
CA VAL A 194 1.01 31.50 -35.87
C VAL A 194 0.07 31.24 -37.04
N GLY A 195 -0.66 30.13 -36.99
CA GLY A 195 -1.57 29.77 -38.06
C GLY A 195 -1.56 28.28 -38.33
N LEU A 196 -0.53 27.62 -37.80
CA LEU A 196 -0.38 26.19 -37.98
C LEU A 196 -1.44 25.44 -37.18
N ARG A 197 -1.64 24.18 -37.53
CA ARG A 197 -2.69 23.40 -36.90
C ARG A 197 -2.24 22.89 -35.53
N ASN A 198 -3.21 22.72 -34.64
CA ASN A 198 -2.94 22.17 -33.32
C ASN A 198 -2.81 20.66 -33.41
N LEU A 199 -2.67 20.00 -32.26
CA LEU A 199 -2.38 18.58 -32.26
C LEU A 199 -3.43 17.81 -31.44
N GLU A 214 -12.55 20.17 -23.35
CA GLU A 214 -13.81 19.81 -22.70
C GLU A 214 -13.54 18.74 -21.65
N SER A 215 -13.00 19.16 -20.52
CA SER A 215 -12.77 18.29 -19.37
C SER A 215 -12.61 19.15 -18.12
N THR A 216 -13.20 18.68 -17.03
CA THR A 216 -13.20 19.43 -15.78
C THR A 216 -12.23 18.82 -14.78
N LEU A 217 -11.90 19.62 -13.76
CA LEU A 217 -10.95 19.19 -12.74
C LEU A 217 -11.52 18.08 -11.87
N GLN A 218 -12.84 18.06 -11.69
CA GLN A 218 -13.47 16.96 -10.96
C GLN A 218 -13.31 15.64 -11.70
N GLU A 219 -13.43 15.68 -13.04
CA GLU A 219 -13.20 14.49 -13.84
C GLU A 219 -11.74 14.09 -13.90
N LEU A 220 -10.83 15.03 -13.66
CA LEU A 220 -9.43 14.67 -13.48
C LEU A 220 -9.21 13.94 -12.16
N LEU A 221 -9.70 14.53 -11.08
CA LEU A 221 -9.44 14.01 -9.74
C LEU A 221 -10.13 12.67 -9.51
N LEU A 222 -11.26 12.45 -10.17
CA LEU A 222 -11.93 11.17 -10.02
C LEU A 222 -11.37 10.09 -10.92
N SER A 223 -10.44 10.41 -11.80
CA SER A 223 -9.80 9.37 -12.61
C SER A 223 -8.75 8.67 -11.77
N PRO A 224 -8.78 7.33 -11.68
CA PRO A 224 -7.87 6.64 -10.76
C PRO A 224 -6.44 6.60 -11.24
N TYR A 225 -6.19 6.85 -12.52
CA TYR A 225 -4.83 6.76 -13.03
C TYR A 225 -3.97 7.91 -12.53
N LEU A 226 -4.58 9.07 -12.25
CA LEU A 226 -3.84 10.17 -11.65
C LEU A 226 -3.30 9.79 -10.28
N TRP A 227 -4.06 9.03 -9.52
CA TRP A 227 -3.61 8.70 -8.18
C TRP A 227 -2.75 7.44 -8.15
N VAL A 228 -2.93 6.52 -9.10
CA VAL A 228 -1.93 5.47 -9.30
C VAL A 228 -0.59 6.08 -9.72
N LEU A 229 -0.64 7.09 -10.58
CA LEU A 229 0.56 7.79 -11.02
C LEU A 229 1.17 8.59 -9.88
N SER A 230 0.32 9.15 -9.02
CA SER A 230 0.77 9.93 -7.87
C SER A 230 1.47 9.06 -6.85
N THR A 231 0.90 7.89 -6.52
CA THR A 231 1.56 7.00 -5.57
C THR A 231 2.81 6.36 -6.17
N GLY A 232 2.79 6.10 -7.48
CA GLY A 232 3.99 5.61 -8.13
C GLY A 232 5.13 6.62 -8.10
N TYR A 233 4.81 7.90 -8.32
CA TYR A 233 5.85 8.91 -8.29
C TYR A 233 6.26 9.28 -6.88
N LEU A 234 5.32 9.21 -5.94
CA LEU A 234 5.62 9.22 -4.51
C LEU A 234 6.71 8.21 -4.17
N VAL A 235 6.51 6.96 -4.59
CA VAL A 235 7.46 5.89 -4.25
C VAL A 235 8.78 6.07 -4.99
N VAL A 236 8.73 6.39 -6.28
CA VAL A 236 9.96 6.50 -7.07
C VAL A 236 10.80 7.71 -6.62
N PHE A 237 10.16 8.85 -6.38
CA PHE A 237 10.90 10.01 -5.90
C PHE A 237 11.34 9.83 -4.46
N GLY A 238 10.57 9.11 -3.65
CA GLY A 238 11.00 8.84 -2.29
C GLY A 238 12.22 7.93 -2.24
N VAL A 239 12.24 6.90 -3.09
CA VAL A 239 13.40 6.02 -3.12
C VAL A 239 14.61 6.70 -3.76
N LYS A 240 14.38 7.56 -4.77
CA LYS A 240 15.45 8.39 -5.31
C LYS A 240 16.05 9.28 -4.23
N THR A 241 15.20 9.93 -3.45
CA THR A 241 15.69 10.86 -2.45
C THR A 241 16.33 10.12 -1.28
N CYS A 242 15.84 8.91 -0.97
CA CYS A 242 16.51 8.03 -0.01
C CYS A 242 17.94 7.73 -0.42
N CYS A 243 18.12 7.22 -1.64
CA CYS A 243 19.46 6.84 -2.06
C CYS A 243 20.34 8.05 -2.32
N THR A 244 19.77 9.13 -2.86
CA THR A 244 20.54 10.33 -3.14
C THR A 244 21.02 11.00 -1.86
N ASP A 245 20.19 11.03 -0.81
CA ASP A 245 20.64 11.64 0.43
C ASP A 245 21.55 10.72 1.22
N TRP A 246 21.25 9.41 1.26
CA TRP A 246 21.86 8.55 2.24
C TRP A 246 22.69 7.42 1.62
N GLY A 247 23.06 7.53 0.35
CA GLY A 247 23.93 6.51 -0.23
C GLY A 247 25.36 6.65 0.26
N GLN A 248 25.82 7.89 0.41
CA GLN A 248 27.12 8.12 1.01
C GLN A 248 27.16 7.63 2.45
N PHE A 249 26.08 7.84 3.20
CA PHE A 249 26.04 7.36 4.58
C PHE A 249 25.91 5.84 4.64
N PHE A 250 25.22 5.23 3.68
CA PHE A 250 25.16 3.78 3.64
C PHE A 250 26.50 3.17 3.26
N LEU A 251 27.31 3.88 2.48
CA LEU A 251 28.65 3.39 2.19
C LEU A 251 29.65 3.71 3.30
N ILE A 252 29.41 4.76 4.10
CA ILE A 252 30.34 5.11 5.16
C ILE A 252 30.09 4.26 6.41
N GLN A 253 28.89 4.36 6.99
CA GLN A 253 28.63 3.66 8.24
C GLN A 253 28.47 2.16 8.04
N GLU A 254 27.58 1.76 7.14
CA GLU A 254 27.24 0.34 7.04
C GLU A 254 28.27 -0.40 6.19
N LYS A 255 28.40 -0.02 4.91
CA LYS A 255 29.20 -0.80 3.98
C LYS A 255 30.69 -0.59 4.12
N GLY A 256 31.13 0.43 4.86
CA GLY A 256 32.54 0.58 5.15
C GLY A 256 33.40 1.04 4.01
N GLN A 257 32.84 1.82 3.08
CA GLN A 257 33.65 2.42 2.03
C GLN A 257 34.24 3.74 2.50
N SER A 258 35.11 4.32 1.67
CA SER A 258 35.69 5.61 2.00
C SER A 258 34.75 6.72 1.52
N ALA A 259 35.11 7.97 1.85
CA ALA A 259 34.29 9.11 1.43
C ALA A 259 34.43 9.37 -0.06
N LEU A 260 35.59 9.06 -0.64
CA LEU A 260 35.76 9.20 -2.08
C LEU A 260 34.89 8.20 -2.85
N VAL A 261 34.69 7.01 -2.29
CA VAL A 261 33.81 6.03 -2.93
C VAL A 261 32.37 6.49 -2.88
N GLY A 262 31.96 7.13 -1.79
CA GLY A 262 30.60 7.68 -1.72
C GLY A 262 30.41 8.87 -2.64
N SER A 263 31.44 9.71 -2.78
CA SER A 263 31.34 10.84 -3.71
C SER A 263 31.31 10.36 -5.15
N SER A 264 32.09 9.33 -5.47
CA SER A 264 32.04 8.75 -6.81
C SER A 264 30.72 8.02 -7.06
N TYR A 265 30.14 7.44 -6.01
CA TYR A 265 28.81 6.83 -6.13
C TYR A 265 27.74 7.85 -6.43
N MET A 266 27.78 9.00 -5.75
CA MET A 266 26.84 10.08 -6.06
C MET A 266 27.07 10.66 -7.45
N SER A 267 28.34 10.78 -7.86
CA SER A 267 28.63 11.33 -9.18
C SER A 267 28.19 10.37 -10.29
N ALA A 268 28.38 9.06 -10.08
CA ALA A 268 27.91 8.08 -11.03
C ALA A 268 26.40 8.00 -11.06
N LEU A 269 25.76 8.20 -9.91
CA LEU A 269 24.30 8.22 -9.88
C LEU A 269 23.75 9.44 -10.61
N GLU A 270 24.44 10.59 -10.50
CA GLU A 270 23.98 11.79 -11.20
C GLU A 270 24.20 11.68 -12.71
N VAL A 271 25.36 11.18 -13.15
CA VAL A 271 25.63 11.05 -14.58
C VAL A 271 24.73 9.98 -15.20
N GLY A 272 24.58 8.85 -14.51
CA GLY A 272 23.63 7.84 -14.94
C GLY A 272 22.21 8.32 -14.89
N GLY A 273 21.90 9.27 -14.01
CA GLY A 273 20.55 9.80 -13.98
C GLY A 273 20.26 10.76 -15.11
N LEU A 274 21.23 11.57 -15.49
CA LEU A 274 21.13 12.38 -16.70
C LEU A 274 20.88 11.52 -17.92
N VAL A 275 21.72 10.48 -18.11
CA VAL A 275 21.53 9.63 -19.27
C VAL A 275 20.29 8.76 -19.11
N GLY A 276 19.81 8.54 -17.89
CA GLY A 276 18.62 7.77 -17.66
C GLY A 276 17.36 8.51 -18.00
N SER A 277 17.34 9.80 -17.66
CA SER A 277 16.23 10.67 -18.06
C SER A 277 16.17 10.81 -19.57
N ILE A 278 17.32 11.04 -20.21
CA ILE A 278 17.34 11.20 -21.66
C ILE A 278 16.97 9.90 -22.38
N ALA A 279 17.52 8.77 -21.92
CA ALA A 279 17.21 7.48 -22.54
C ALA A 279 15.78 7.06 -22.28
N ALA A 280 15.22 7.42 -21.11
CA ALA A 280 13.82 7.13 -20.83
C ALA A 280 12.91 7.91 -21.76
N GLY A 281 13.18 9.20 -21.94
CA GLY A 281 12.39 9.99 -22.86
C GLY A 281 12.45 9.50 -24.30
N TYR A 282 13.67 9.18 -24.77
CA TYR A 282 13.82 8.78 -26.17
C TYR A 282 13.23 7.40 -26.43
N LEU A 283 13.55 6.42 -25.59
CA LEU A 283 13.05 5.07 -25.85
C LEU A 283 11.57 4.95 -25.53
N SER A 284 11.07 5.76 -24.60
CA SER A 284 9.64 5.81 -24.35
C SER A 284 8.89 6.48 -25.49
N ASP A 285 9.49 7.46 -26.15
CA ASP A 285 8.87 8.01 -27.34
C ASP A 285 8.93 7.04 -28.51
N ARG A 286 9.95 6.17 -28.56
CA ARG A 286 9.95 5.10 -29.56
C ARG A 286 8.80 4.14 -29.32
N ALA A 287 8.56 3.76 -28.07
CA ALA A 287 7.43 2.89 -27.74
C ALA A 287 6.09 3.57 -28.01
N MET A 288 5.99 4.86 -27.69
CA MET A 288 4.79 5.63 -27.94
C MET A 288 4.53 5.82 -29.44
N ALA A 289 5.59 5.85 -30.23
CA ALA A 289 5.44 5.93 -31.68
C ALA A 289 5.01 4.60 -32.27
N LYS A 290 5.53 3.50 -31.73
CA LYS A 290 5.14 2.18 -32.23
C LYS A 290 3.69 1.87 -31.88
N ALA A 291 3.35 1.92 -30.60
CA ALA A 291 1.99 1.61 -30.18
C ALA A 291 1.13 2.86 -30.25
N GLY A 292 -0.06 2.82 -29.65
CA GLY A 292 -0.91 3.99 -29.61
C GLY A 292 -2.29 3.82 -30.18
N LEU A 293 -2.81 2.59 -30.17
CA LEU A 293 -4.12 2.32 -30.73
C LEU A 293 -5.24 2.36 -29.69
N SER A 294 -4.95 2.04 -28.44
CA SER A 294 -5.99 1.87 -27.42
C SER A 294 -5.98 3.04 -26.44
N ASN A 295 -7.11 3.18 -25.74
CA ASN A 295 -7.25 4.17 -24.68
C ASN A 295 -6.79 3.63 -23.34
N TYR A 296 -6.79 2.32 -23.14
CA TYR A 296 -6.34 1.70 -21.91
C TYR A 296 -4.87 1.38 -21.99
N GLY A 297 -4.18 1.50 -20.86
CA GLY A 297 -2.75 1.30 -20.84
C GLY A 297 -2.02 2.49 -21.41
N ASN A 298 -0.70 2.36 -21.45
CA ASN A 298 0.12 3.45 -21.88
C ASN A 298 1.37 2.79 -22.43
N PRO A 299 1.81 3.15 -23.65
CA PRO A 299 3.08 2.60 -24.16
C PRO A 299 4.32 3.05 -23.38
N ARG A 300 4.20 4.04 -22.50
CA ARG A 300 5.31 4.46 -21.67
C ARG A 300 5.47 3.59 -20.43
N HIS A 301 4.42 2.84 -20.06
CA HIS A 301 4.55 1.84 -19.01
C HIS A 301 5.53 0.75 -19.41
N GLY A 302 5.64 0.45 -20.70
CA GLY A 302 6.54 -0.57 -21.21
C GLY A 302 8.02 -0.24 -21.15
N LEU A 303 8.35 0.88 -20.52
CA LEU A 303 9.71 1.16 -20.07
C LEU A 303 9.77 1.76 -18.68
N LEU A 304 8.67 2.37 -18.20
CA LEU A 304 8.56 2.74 -16.79
C LEU A 304 8.65 1.51 -15.88
N LEU A 305 8.09 0.39 -16.31
CA LEU A 305 8.14 -0.82 -15.50
C LEU A 305 9.53 -1.46 -15.50
N PHE A 306 10.21 -1.46 -16.65
CA PHE A 306 11.58 -1.97 -16.70
C PHE A 306 12.51 -1.12 -15.87
N MET A 307 12.29 0.19 -15.85
CA MET A 307 13.16 1.03 -15.02
C MET A 307 12.82 0.95 -13.53
N MET A 308 11.55 0.74 -13.16
CA MET A 308 11.28 0.52 -11.74
C MET A 308 11.80 -0.84 -11.27
N ALA A 309 11.76 -1.85 -12.15
CA ALA A 309 12.44 -3.10 -11.83
C ALA A 309 13.96 -2.92 -11.80
N GLY A 310 14.48 -1.98 -12.58
CA GLY A 310 15.90 -1.65 -12.47
C GLY A 310 16.25 -1.02 -11.14
N MET A 311 15.37 -0.18 -10.60
CA MET A 311 15.52 0.32 -9.24
C MET A 311 15.53 -0.80 -8.22
N THR A 312 14.60 -1.75 -8.35
CA THR A 312 14.55 -2.89 -7.42
C THR A 312 15.81 -3.73 -7.48
N VAL A 313 16.24 -4.10 -8.70
CA VAL A 313 17.44 -4.90 -8.87
C VAL A 313 18.68 -4.15 -8.40
N SER A 314 18.71 -2.83 -8.62
CA SER A 314 19.88 -2.05 -8.20
C SER A 314 19.96 -1.91 -6.69
N MET A 315 18.82 -1.70 -6.02
CA MET A 315 18.87 -1.64 -4.56
C MET A 315 19.17 -2.99 -3.95
N TYR A 316 18.70 -4.08 -4.55
CA TYR A 316 19.01 -5.40 -4.04
C TYR A 316 20.49 -5.71 -4.20
N LEU A 317 21.04 -5.49 -5.40
CA LEU A 317 22.44 -5.78 -5.63
C LEU A 317 23.37 -4.81 -4.92
N PHE A 318 22.89 -3.61 -4.60
CA PHE A 318 23.69 -2.69 -3.82
C PHE A 318 23.57 -2.97 -2.32
N ARG A 319 22.52 -3.65 -1.89
CA ARG A 319 22.43 -3.95 -0.47
C ARG A 319 23.09 -5.27 -0.10
N VAL A 320 22.87 -6.34 -0.88
CA VAL A 320 23.38 -7.64 -0.45
C VAL A 320 24.72 -7.98 -1.09
N THR A 321 25.02 -7.41 -2.25
CA THR A 321 26.27 -7.73 -2.94
C THR A 321 27.23 -6.54 -2.94
N VAL A 322 27.28 -5.82 -1.82
CA VAL A 322 28.29 -4.80 -1.59
C VAL A 322 28.91 -5.08 -0.22
N THR A 323 30.21 -5.30 -0.19
CA THR A 323 30.97 -5.44 1.03
C THR A 323 32.03 -4.34 1.06
N SER A 324 32.91 -4.40 2.05
CA SER A 324 34.07 -3.53 2.03
C SER A 324 35.10 -3.99 0.99
N ASP A 325 35.04 -5.26 0.59
CA ASP A 325 35.98 -5.83 -0.37
C ASP A 325 35.45 -5.80 -1.79
N SER A 326 34.23 -5.33 -2.01
CA SER A 326 33.74 -5.15 -3.36
C SER A 326 34.45 -3.97 -4.02
N PRO A 327 34.76 -4.05 -5.31
CA PRO A 327 35.57 -2.99 -5.94
C PRO A 327 34.78 -1.71 -6.14
N LYS A 328 35.52 -0.65 -6.45
CA LYS A 328 34.91 0.66 -6.69
C LYS A 328 34.13 0.66 -7.99
N LEU A 329 34.54 -0.15 -8.96
CA LEU A 329 33.86 -0.22 -10.25
C LEU A 329 32.46 -0.80 -10.09
N TRP A 330 32.29 -1.76 -9.17
CA TRP A 330 30.97 -2.30 -8.90
C TRP A 330 30.07 -1.26 -8.23
N ILE A 331 30.65 -0.41 -7.38
CA ILE A 331 29.89 0.68 -6.77
C ILE A 331 29.48 1.71 -7.81
N LEU A 332 30.38 2.02 -8.75
CA LEU A 332 30.07 2.97 -9.81
C LEU A 332 29.00 2.41 -10.76
N VAL A 333 29.06 1.11 -11.05
CA VAL A 333 28.05 0.48 -11.88
C VAL A 333 26.70 0.49 -11.18
N LEU A 334 26.68 0.25 -9.86
CA LEU A 334 25.40 0.27 -9.14
C LEU A 334 24.85 1.68 -9.02
N GLY A 335 25.72 2.67 -8.82
CA GLY A 335 25.28 4.05 -8.82
C GLY A 335 24.72 4.47 -10.16
N ALA A 336 25.41 4.11 -11.24
CA ALA A 336 24.97 4.51 -12.57
C ALA A 336 23.69 3.82 -12.99
N VAL A 337 23.55 2.53 -12.67
CA VAL A 337 22.35 1.79 -13.07
C VAL A 337 21.16 2.22 -12.21
N PHE A 338 21.38 2.50 -10.92
CA PHE A 338 20.28 3.04 -10.13
C PHE A 338 19.92 4.46 -10.56
N GLY A 339 20.90 5.26 -10.97
CA GLY A 339 20.59 6.60 -11.43
C GLY A 339 19.81 6.58 -12.72
N PHE A 340 20.22 5.71 -13.66
CA PHE A 340 19.45 5.40 -14.87
C PHE A 340 18.01 5.04 -14.52
N SER A 341 17.85 3.95 -13.77
CA SER A 341 16.58 3.39 -13.42
C SER A 341 15.75 4.26 -12.48
N SER A 342 16.32 5.33 -11.92
CA SER A 342 15.63 6.18 -10.97
C SER A 342 15.27 7.55 -11.54
N TYR A 343 16.19 8.24 -12.22
CA TYR A 343 15.79 9.49 -12.85
C TYR A 343 15.05 9.25 -14.17
N GLY A 344 15.06 8.04 -14.70
CA GLY A 344 14.20 7.71 -15.81
C GLY A 344 12.72 7.82 -15.50
N PRO A 345 12.26 7.05 -14.51
CA PRO A 345 10.86 7.14 -14.08
C PRO A 345 10.41 8.49 -13.58
N ILE A 346 11.28 9.36 -13.08
CA ILE A 346 10.85 10.68 -12.67
C ILE A 346 10.47 11.53 -13.87
N ALA A 347 11.30 11.49 -14.91
CA ALA A 347 10.95 12.08 -16.18
C ALA A 347 9.73 11.40 -16.80
N LEU A 348 9.58 10.09 -16.61
CA LEU A 348 8.42 9.42 -17.19
C LEU A 348 7.13 9.72 -16.44
N PHE A 349 7.17 9.89 -15.13
CA PHE A 349 5.95 10.30 -14.44
C PHE A 349 5.60 11.74 -14.77
N GLY A 350 6.60 12.58 -15.03
CA GLY A 350 6.30 13.90 -15.59
C GLY A 350 5.65 13.83 -16.97
N VAL A 351 6.22 13.03 -17.86
CA VAL A 351 5.73 12.90 -19.23
C VAL A 351 4.33 12.30 -19.26
N ILE A 352 4.08 11.33 -18.38
CA ILE A 352 2.76 10.71 -18.35
C ILE A 352 1.73 11.63 -17.69
N ALA A 353 2.11 12.34 -16.64
CA ALA A 353 1.18 13.29 -16.04
C ALA A 353 0.89 14.49 -16.94
N ASN A 354 1.72 14.73 -17.96
CA ASN A 354 1.41 15.73 -18.96
C ASN A 354 0.74 15.16 -20.21
N GLU A 355 1.01 13.90 -20.59
CA GLU A 355 0.37 13.30 -21.76
C GLU A 355 -1.04 12.80 -21.45
N SER A 356 -1.18 11.99 -20.41
CA SER A 356 -2.43 11.29 -20.12
C SER A 356 -3.52 12.18 -19.58
N ALA A 357 -3.23 13.42 -19.34
CA ALA A 357 -4.13 14.46 -18.90
C ALA A 357 -4.83 15.10 -20.07
N PRO A 358 -5.97 15.77 -19.84
CA PRO A 358 -6.59 16.54 -20.91
C PRO A 358 -5.73 17.73 -21.29
N PRO A 359 -5.82 18.22 -22.54
CA PRO A 359 -4.85 19.21 -23.02
C PRO A 359 -4.96 20.57 -22.37
N ASN A 360 -6.10 20.91 -21.78
CA ASN A 360 -6.28 22.18 -21.09
C ASN A 360 -6.23 22.04 -19.58
N LEU A 361 -5.79 20.88 -19.11
CA LEU A 361 -5.73 20.62 -17.67
C LEU A 361 -4.58 19.68 -17.41
N CYS A 362 -3.51 19.86 -18.18
CA CYS A 362 -2.33 19.02 -18.04
C CYS A 362 -1.34 19.56 -17.02
N GLY A 363 -1.22 20.88 -16.92
CA GLY A 363 -0.37 21.45 -15.87
C GLY A 363 -0.90 21.18 -14.49
N THR A 364 -2.23 21.18 -14.33
CA THR A 364 -2.83 20.85 -13.05
C THR A 364 -2.60 19.38 -12.69
N SER A 365 -2.76 18.50 -13.68
CA SER A 365 -2.46 17.09 -13.44
C SER A 365 -0.99 16.82 -13.18
N HIS A 366 -0.09 17.67 -13.67
CA HIS A 366 1.33 17.54 -13.32
C HIS A 366 1.64 18.10 -11.93
N ALA A 367 0.96 19.17 -11.54
CA ALA A 367 1.18 19.73 -10.21
C ALA A 367 0.68 18.82 -9.11
N ILE A 368 -0.39 18.05 -9.39
CA ILE A 368 -0.88 17.08 -8.41
C ILE A 368 0.15 15.98 -8.17
N VAL A 369 0.95 15.65 -9.18
CA VAL A 369 2.00 14.66 -9.00
C VAL A 369 3.26 15.27 -8.36
N GLY A 370 3.54 16.55 -8.62
CA GLY A 370 4.61 17.22 -7.88
C GLY A 370 4.32 17.41 -6.40
N LEU A 371 3.04 17.47 -6.04
CA LEU A 371 2.68 17.46 -4.62
C LEU A 371 3.13 16.16 -3.95
N MET A 372 2.98 15.04 -4.64
CA MET A 372 3.46 13.78 -4.11
C MET A 372 4.97 13.66 -4.18
N ALA A 373 5.63 14.42 -5.06
CA ALA A 373 7.09 14.58 -4.95
C ALA A 373 7.47 15.19 -3.62
N ASN A 374 6.74 16.22 -3.17
CA ASN A 374 7.03 16.81 -1.87
C ASN A 374 6.80 15.83 -0.73
N VAL A 375 5.73 15.04 -0.83
CA VAL A 375 5.44 14.04 0.20
C VAL A 375 6.52 12.96 0.23
N GLY A 376 7.02 12.54 -0.94
CA GLY A 376 8.10 11.58 -0.99
C GLY A 376 9.42 12.12 -0.51
N GLY A 377 9.67 13.41 -0.71
CA GLY A 377 10.86 14.03 -0.15
C GLY A 377 10.84 14.05 1.37
N PHE A 378 9.67 14.32 1.96
CA PHE A 378 9.59 14.26 3.43
C PHE A 378 9.73 12.82 3.94
N LEU A 379 9.10 11.86 3.25
CA LEU A 379 9.19 10.46 3.68
C LEU A 379 10.60 9.90 3.52
N ALA A 380 11.38 10.44 2.59
CA ALA A 380 12.77 10.03 2.49
C ALA A 380 13.64 10.78 3.48
N GLY A 381 13.27 11.99 3.87
CA GLY A 381 14.06 12.70 4.83
C GLY A 381 13.93 12.18 6.25
N LEU A 382 12.76 12.35 6.86
CA LEU A 382 12.72 12.05 8.29
C LEU A 382 12.46 10.59 8.68
N PRO A 383 11.44 9.87 8.15
CA PRO A 383 11.24 8.50 8.62
C PRO A 383 12.30 7.54 8.18
N PHE A 384 12.91 7.76 7.01
CA PHE A 384 13.99 6.88 6.55
C PHE A 384 15.21 7.00 7.45
N SER A 385 15.54 8.22 7.86
CA SER A 385 16.60 8.43 8.84
C SER A 385 16.24 7.86 10.19
N THR A 386 14.95 7.88 10.57
CA THR A 386 14.55 7.31 11.85
C THR A 386 14.67 5.79 11.85
N ILE A 387 14.25 5.13 10.76
CA ILE A 387 14.41 3.69 10.63
C ILE A 387 15.88 3.31 10.59
N ALA A 388 16.69 4.13 9.93
CA ALA A 388 18.13 3.88 9.87
C ALA A 388 18.80 4.06 11.22
N LYS A 389 18.27 4.98 12.04
CA LYS A 389 18.81 5.18 13.38
C LYS A 389 18.45 4.02 14.29
N HIS A 390 17.19 3.56 14.23
CA HIS A 390 16.76 2.53 15.18
C HIS A 390 17.28 1.15 14.81
N TYR A 391 16.90 0.63 13.64
CA TYR A 391 17.23 -0.76 13.34
C TYR A 391 18.65 -0.92 12.81
N SER A 392 18.90 -0.41 11.60
CA SER A 392 20.17 -0.51 10.89
C SER A 392 20.02 0.29 9.60
N TRP A 393 21.13 0.45 8.89
CA TRP A 393 21.09 1.13 7.60
C TRP A 393 20.56 0.20 6.52
N SER A 394 20.99 -1.06 6.54
CA SER A 394 20.51 -2.01 5.54
C SER A 394 19.04 -2.34 5.74
N THR A 395 18.55 -2.26 6.98
CA THR A 395 17.13 -2.45 7.22
C THR A 395 16.33 -1.29 6.64
N ALA A 396 16.85 -0.06 6.71
CA ALA A 396 16.12 1.08 6.18
C ALA A 396 16.12 1.10 4.65
N PHE A 397 17.29 0.88 4.05
CA PHE A 397 17.36 0.75 2.60
C PHE A 397 16.62 -0.48 2.09
N TRP A 398 16.47 -1.50 2.93
CA TRP A 398 15.66 -2.63 2.55
C TRP A 398 14.18 -2.32 2.63
N VAL A 399 13.76 -1.48 3.59
CA VAL A 399 12.38 -1.03 3.62
C VAL A 399 12.07 -0.19 2.39
N ALA A 400 13.01 0.65 1.97
CA ALA A 400 12.85 1.39 0.73
C ALA A 400 12.83 0.46 -0.48
N GLU A 401 13.63 -0.61 -0.45
CA GLU A 401 13.61 -1.61 -1.51
C GLU A 401 12.27 -2.34 -1.57
N VAL A 402 11.70 -2.67 -0.41
CA VAL A 402 10.41 -3.35 -0.35
C VAL A 402 9.30 -2.43 -0.86
N ILE A 403 9.35 -1.15 -0.50
CA ILE A 403 8.35 -0.19 -0.98
C ILE A 403 8.46 -0.02 -2.49
N CYS A 404 9.70 0.08 -3.00
CA CYS A 404 9.88 0.25 -4.43
C CYS A 404 9.50 -0.99 -5.22
N ALA A 405 9.80 -2.18 -4.69
CA ALA A 405 9.50 -3.41 -5.42
C ALA A 405 8.02 -3.77 -5.33
N ALA A 406 7.39 -3.53 -4.18
CA ALA A 406 5.96 -3.73 -4.07
C ALA A 406 5.20 -2.72 -4.92
N SER A 407 5.71 -1.50 -5.05
CA SER A 407 5.09 -0.56 -5.97
C SER A 407 5.37 -0.89 -7.43
N THR A 408 6.51 -1.49 -7.72
CA THR A 408 6.76 -1.98 -9.07
C THR A 408 5.79 -3.11 -9.43
N ALA A 409 5.50 -3.99 -8.48
CA ALA A 409 4.51 -5.02 -8.71
C ALA A 409 3.11 -4.44 -8.83
N ALA A 410 2.75 -3.51 -7.94
CA ALA A 410 1.42 -2.92 -7.95
C ALA A 410 1.20 -2.03 -9.16
N PHE A 411 2.26 -1.51 -9.76
CA PHE A 411 2.14 -0.73 -10.98
C PHE A 411 2.27 -1.62 -12.22
N PHE A 412 2.88 -2.80 -12.10
CA PHE A 412 2.81 -3.76 -13.18
C PHE A 412 1.41 -4.32 -13.32
N LEU A 413 0.71 -4.50 -12.20
CA LEU A 413 -0.67 -4.93 -12.27
C LEU A 413 -1.54 -3.84 -12.87
N LEU A 414 -1.34 -2.60 -12.42
CA LEU A 414 -2.16 -1.45 -12.83
C LEU A 414 -1.65 -0.79 -14.11
N ARG A 415 -0.97 -1.53 -14.98
CA ARG A 415 -0.40 -0.95 -16.18
C ARG A 415 -1.42 -0.80 -17.30
N ASN A 416 -2.59 -1.42 -17.20
CA ASN A 416 -3.58 -1.39 -18.26
C ASN A 416 -4.91 -0.80 -17.79
N ILE A 417 -4.87 0.10 -16.80
CA ILE A 417 -6.07 0.82 -16.40
C ILE A 417 -6.28 1.96 -17.39
N ARG A 418 -7.44 2.61 -17.31
CA ARG A 418 -7.75 3.73 -18.20
C ARG A 418 -6.82 4.89 -17.91
N THR A 419 -5.88 5.13 -18.81
CA THR A 419 -4.87 6.16 -18.59
C THR A 419 -5.30 7.53 -19.05
N LYS A 420 -6.14 7.62 -20.07
CA LYS A 420 -6.58 8.93 -20.56
C LYS A 420 -7.50 9.56 -19.54
N MET A 421 -6.94 10.47 -18.75
CA MET A 421 -7.66 11.12 -17.67
C MET A 421 -8.71 12.07 -18.24
N GLY A 422 -9.76 12.30 -17.47
CA GLY A 422 -10.83 13.18 -17.88
C GLY A 422 -12.14 12.44 -18.03
N ARG A 423 -12.94 12.86 -19.01
CA ARG A 423 -14.25 12.28 -19.20
C ARG A 423 -14.14 10.93 -19.88
N VAL A 424 -15.26 10.21 -19.91
CA VAL A 424 -15.34 8.86 -20.47
C VAL A 424 -16.23 8.92 -21.70
N SER A 425 -15.68 8.59 -22.86
CA SER A 425 -16.42 8.63 -24.10
C SER A 425 -15.87 7.61 -25.10
N GLY B 5 -1.63 -39.22 31.12
CA GLY B 5 -0.42 -39.00 30.35
C GLY B 5 -0.25 -37.55 29.93
N TYR B 6 0.44 -37.34 28.81
CA TYR B 6 0.62 -36.02 28.23
C TYR B 6 -0.24 -35.86 26.98
N GLY B 7 -0.05 -36.74 25.99
CA GLY B 7 -0.90 -36.73 24.82
C GLY B 7 -2.33 -37.13 25.11
N TYR B 8 -2.54 -37.88 26.19
CA TYR B 8 -3.89 -38.18 26.63
C TYR B 8 -4.61 -36.92 27.09
N TYR B 9 -3.92 -36.07 27.86
CA TYR B 9 -4.54 -34.82 28.29
C TYR B 9 -4.69 -33.85 27.14
N ARG B 10 -3.79 -33.92 26.15
CA ARG B 10 -3.97 -33.13 24.93
C ARG B 10 -5.22 -33.56 24.17
N THR B 11 -5.48 -34.87 24.12
CA THR B 11 -6.69 -35.40 23.49
C THR B 11 -7.94 -34.98 24.25
N VAL B 12 -7.91 -35.08 25.58
CA VAL B 12 -9.07 -34.74 26.40
C VAL B 12 -9.40 -33.26 26.31
N ILE B 13 -8.38 -32.40 26.42
CA ILE B 13 -8.58 -30.96 26.36
C ILE B 13 -9.01 -30.53 24.96
N PHE B 14 -8.48 -31.17 23.92
CA PHE B 14 -8.92 -30.82 22.57
C PHE B 14 -10.34 -31.29 22.30
N SER B 15 -10.75 -32.43 22.88
CA SER B 15 -12.14 -32.86 22.74
C SER B 15 -13.08 -31.92 23.47
N ALA B 16 -12.65 -31.41 24.62
CA ALA B 16 -13.47 -30.45 25.35
C ALA B 16 -13.58 -29.13 24.59
N MET B 17 -12.47 -28.64 24.02
CA MET B 17 -12.53 -27.42 23.23
C MET B 17 -13.30 -27.62 21.93
N PHE B 18 -13.25 -28.83 21.36
CA PHE B 18 -14.00 -29.13 20.15
C PHE B 18 -15.50 -29.08 20.42
N GLY B 19 -15.96 -29.75 21.47
CA GLY B 19 -17.36 -29.69 21.85
C GLY B 19 -17.79 -28.29 22.23
N GLY B 20 -16.95 -27.56 22.97
CA GLY B 20 -17.31 -26.24 23.42
C GLY B 20 -17.38 -25.22 22.30
N TYR B 21 -16.43 -25.26 21.37
CA TYR B 21 -16.47 -24.28 20.29
C TYR B 21 -17.43 -24.69 19.18
N SER B 22 -17.74 -25.99 19.06
CA SER B 22 -18.84 -26.39 18.19
C SER B 22 -20.17 -25.88 18.73
N LEU B 23 -20.38 -25.98 20.04
CA LEU B 23 -21.60 -25.41 20.61
C LEU B 23 -21.59 -23.90 20.58
N TYR B 24 -20.40 -23.29 20.64
CA TYR B 24 -20.26 -21.86 20.39
C TYR B 24 -20.79 -21.46 19.03
N TYR B 25 -20.34 -22.14 17.97
CA TYR B 25 -20.77 -21.68 16.65
C TYR B 25 -22.22 -22.05 16.37
N PHE B 26 -22.67 -23.20 16.89
CA PHE B 26 -24.09 -23.55 16.74
C PHE B 26 -24.99 -22.58 17.49
N ASN B 27 -24.62 -22.18 18.70
CA ASN B 27 -25.39 -21.20 19.45
C ASN B 27 -25.00 -19.77 19.10
N ARG B 28 -24.06 -19.61 18.19
CA ARG B 28 -23.78 -18.32 17.57
C ARG B 28 -24.74 -18.07 16.44
N LYS B 29 -25.09 -19.12 15.69
CA LYS B 29 -25.98 -18.94 14.56
C LYS B 29 -27.26 -19.77 14.65
N THR B 30 -27.71 -20.11 15.87
CA THR B 30 -28.98 -20.81 16.01
C THR B 30 -30.17 -19.98 15.54
N PHE B 31 -30.18 -18.69 15.87
CA PHE B 31 -31.30 -17.83 15.45
C PHE B 31 -31.37 -17.67 13.93
N SER B 32 -30.23 -17.76 13.24
CA SER B 32 -30.31 -17.84 11.78
C SER B 32 -30.57 -19.27 11.31
N PHE B 33 -30.36 -20.28 12.16
CA PHE B 33 -30.71 -21.64 11.77
C PHE B 33 -32.19 -21.92 11.99
N VAL B 34 -32.74 -21.44 13.11
CA VAL B 34 -34.15 -21.66 13.41
C VAL B 34 -35.00 -20.49 12.91
N MET B 35 -34.41 -19.62 12.08
CA MET B 35 -35.10 -18.49 11.47
C MET B 35 -36.41 -18.81 10.72
N PRO B 36 -36.55 -19.87 9.91
CA PRO B 36 -37.85 -20.07 9.24
C PRO B 36 -38.98 -20.42 10.19
N SER B 37 -38.73 -21.25 11.20
CA SER B 37 -39.76 -21.55 12.19
C SER B 37 -40.15 -20.32 12.99
N LEU B 38 -39.18 -19.45 13.27
CA LEU B 38 -39.48 -18.26 14.06
C LEU B 38 -40.21 -17.20 13.24
N VAL B 39 -39.92 -17.09 11.94
CA VAL B 39 -40.70 -16.15 11.13
C VAL B 39 -42.04 -16.73 10.75
N GLU B 40 -42.22 -18.05 10.83
CA GLU B 40 -43.57 -18.61 10.78
C GLU B 40 -44.33 -18.32 12.06
N GLU B 41 -43.63 -18.32 13.20
CA GLU B 41 -44.29 -18.03 14.47
C GLU B 41 -44.62 -16.56 14.61
N ILE B 42 -43.60 -15.70 14.62
CA ILE B 42 -43.81 -14.27 14.79
C ILE B 42 -43.39 -13.53 13.53
N PRO B 43 -44.12 -12.49 13.11
CA PRO B 43 -43.72 -11.74 11.91
C PRO B 43 -42.65 -10.71 12.23
N LEU B 44 -41.53 -10.79 11.54
CA LEU B 44 -40.43 -9.85 11.72
C LEU B 44 -39.97 -9.33 10.37
N ASP B 45 -39.57 -8.05 10.36
CA ASP B 45 -39.11 -7.40 9.15
C ASP B 45 -37.73 -7.93 8.76
N LYS B 46 -37.40 -7.79 7.48
CA LYS B 46 -36.04 -8.08 7.02
C LYS B 46 -35.04 -7.12 7.64
N ASP B 47 -35.42 -5.86 7.78
CA ASP B 47 -34.57 -4.89 8.46
C ASP B 47 -34.47 -5.19 9.95
N ASP B 48 -35.51 -5.80 10.53
CA ASP B 48 -35.47 -6.17 11.94
C ASP B 48 -34.48 -7.30 12.17
N LEU B 49 -34.51 -8.33 11.32
CA LEU B 49 -33.56 -9.43 11.40
C LEU B 49 -32.15 -8.95 11.07
N GLY B 50 -32.02 -8.00 10.14
CA GLY B 50 -30.74 -7.40 9.86
C GLY B 50 -30.20 -6.60 11.03
N PHE B 51 -31.08 -5.96 11.79
CA PHE B 51 -30.64 -5.24 12.99
C PHE B 51 -30.21 -6.19 14.08
N ILE B 52 -30.91 -7.32 14.24
CA ILE B 52 -30.52 -8.31 15.26
C ILE B 52 -29.18 -8.94 14.91
N THR B 53 -29.01 -9.38 13.66
CA THR B 53 -27.75 -10.00 13.25
C THR B 53 -26.61 -8.98 13.19
N SER B 54 -26.94 -7.71 12.90
CA SER B 54 -25.90 -6.67 12.94
C SER B 54 -25.50 -6.33 14.37
N SER B 55 -26.44 -6.44 15.31
CA SER B 55 -26.09 -6.29 16.72
C SER B 55 -25.15 -7.39 17.16
N GLN B 56 -25.42 -8.63 16.74
CA GLN B 56 -24.50 -9.72 17.07
C GLN B 56 -23.15 -9.53 16.39
N SER B 57 -23.14 -9.04 15.15
CA SER B 57 -21.87 -8.86 14.44
C SER B 57 -21.03 -7.76 15.07
N ALA B 58 -21.67 -6.65 15.48
CA ALA B 58 -20.94 -5.57 16.13
C ALA B 58 -20.42 -5.99 17.49
N ALA B 59 -21.26 -6.65 18.29
CA ALA B 59 -20.83 -7.12 19.60
C ALA B 59 -19.79 -8.22 19.49
N TYR B 60 -19.87 -9.06 18.47
CA TYR B 60 -18.89 -10.11 18.30
C TYR B 60 -17.55 -9.56 17.83
N ALA B 61 -17.56 -8.49 17.04
CA ALA B 61 -16.30 -7.84 16.67
C ALA B 61 -15.64 -7.20 17.89
N ILE B 62 -16.43 -6.41 18.63
CA ILE B 62 -15.95 -5.75 19.85
C ILE B 62 -15.51 -6.78 20.88
N SER B 63 -16.19 -7.92 20.93
CA SER B 63 -15.87 -8.92 21.92
C SER B 63 -14.75 -9.86 21.50
N LYS B 64 -14.53 -10.09 20.20
CA LYS B 64 -13.29 -10.73 19.78
C LYS B 64 -12.10 -9.89 20.19
N PHE B 65 -12.17 -8.57 20.00
CA PHE B 65 -11.04 -7.73 20.40
C PHE B 65 -10.87 -7.69 21.91
N VAL B 66 -11.96 -7.43 22.65
CA VAL B 66 -11.90 -7.31 24.10
C VAL B 66 -11.53 -8.64 24.74
N SER B 67 -12.00 -9.75 24.18
CA SER B 67 -11.68 -11.05 24.74
C SER B 67 -10.29 -11.49 24.41
N GLY B 68 -9.75 -11.11 23.24
CA GLY B 68 -8.35 -11.38 22.98
C GLY B 68 -7.45 -10.62 23.92
N VAL B 69 -7.81 -9.37 24.23
CA VAL B 69 -7.03 -8.60 25.20
C VAL B 69 -7.18 -9.18 26.60
N LEU B 70 -8.37 -9.67 26.94
CA LEU B 70 -8.58 -10.23 28.28
C LEU B 70 -7.98 -11.61 28.45
N SER B 71 -7.92 -12.43 27.39
CA SER B 71 -7.53 -13.83 27.53
C SER B 71 -6.08 -14.01 27.94
N ASP B 72 -5.27 -12.97 27.79
CA ASP B 72 -3.90 -12.98 28.27
C ASP B 72 -3.79 -12.49 29.71
N GLN B 73 -4.89 -12.01 30.29
CA GLN B 73 -4.90 -11.58 31.68
C GLN B 73 -5.42 -12.67 32.61
N MET B 74 -6.67 -13.11 32.43
CA MET B 74 -7.21 -14.15 33.29
C MET B 74 -7.22 -15.49 32.55
N SER B 75 -7.64 -16.53 33.26
CA SER B 75 -7.42 -17.90 32.84
C SER B 75 -8.32 -18.28 31.67
N ALA B 76 -7.79 -19.10 30.77
CA ALA B 76 -8.54 -19.48 29.58
C ALA B 76 -9.62 -20.50 29.90
N ARG B 77 -9.43 -21.30 30.95
CA ARG B 77 -10.44 -22.28 31.34
C ARG B 77 -11.71 -21.59 31.85
N TRP B 78 -11.56 -20.68 32.81
CA TRP B 78 -12.73 -19.99 33.35
C TRP B 78 -13.36 -19.04 32.33
N LEU B 79 -12.55 -18.46 31.45
CA LEU B 79 -13.11 -17.57 30.44
C LEU B 79 -13.89 -18.35 29.39
N PHE B 80 -13.36 -19.49 28.97
CA PHE B 80 -14.06 -20.38 28.04
C PHE B 80 -15.36 -20.91 28.64
N SER B 81 -15.28 -21.39 29.89
CA SER B 81 -16.45 -21.95 30.54
C SER B 81 -17.49 -20.89 30.84
N SER B 82 -17.06 -19.68 31.18
CA SER B 82 -17.99 -18.58 31.42
C SER B 82 -18.65 -18.13 30.12
N GLY B 83 -17.89 -18.13 29.02
CA GLY B 83 -18.48 -17.86 27.73
C GLY B 83 -19.55 -18.87 27.35
N LEU B 84 -19.28 -20.15 27.59
CA LEU B 84 -20.24 -21.17 27.19
C LEU B 84 -21.46 -21.17 28.11
N LEU B 85 -21.26 -20.94 29.41
CA LEU B 85 -22.39 -20.81 30.34
C LEU B 85 -23.23 -19.59 30.01
N LEU B 86 -22.60 -18.49 29.62
CA LEU B 86 -23.36 -17.28 29.37
C LEU B 86 -24.09 -17.35 28.03
N VAL B 87 -23.51 -18.05 27.05
CA VAL B 87 -24.21 -18.33 25.79
C VAL B 87 -25.42 -19.22 26.05
N GLY B 88 -25.27 -20.24 26.89
CA GLY B 88 -26.40 -21.09 27.23
C GLY B 88 -27.50 -20.35 27.97
N LEU B 89 -27.13 -19.45 28.88
CA LEU B 89 -28.14 -18.64 29.57
C LEU B 89 -28.82 -17.66 28.63
N VAL B 90 -28.10 -17.16 27.63
CA VAL B 90 -28.72 -16.31 26.61
C VAL B 90 -29.73 -17.10 25.79
N ASN B 91 -29.38 -18.32 25.38
CA ASN B 91 -30.35 -19.07 24.57
C ASN B 91 -31.54 -19.56 25.40
N ILE B 92 -31.35 -19.82 26.69
CA ILE B 92 -32.49 -20.11 27.58
C ILE B 92 -33.41 -18.89 27.66
N PHE B 93 -32.84 -17.72 27.94
CA PHE B 93 -33.64 -16.50 28.04
C PHE B 93 -34.20 -16.05 26.68
N PHE B 94 -33.59 -16.48 25.59
CA PHE B 94 -33.99 -16.12 24.24
C PHE B 94 -35.15 -16.98 23.78
N ALA B 95 -35.14 -18.25 24.17
CA ALA B 95 -36.33 -19.08 24.04
C ALA B 95 -37.44 -18.58 24.95
N TRP B 96 -37.09 -17.99 26.10
CA TRP B 96 -38.10 -17.43 27.00
C TRP B 96 -38.40 -15.97 26.72
N SER B 97 -38.22 -15.53 25.47
CA SER B 97 -38.43 -14.13 25.09
C SER B 97 -39.43 -14.05 23.95
N SER B 98 -40.15 -12.93 23.89
CA SER B 98 -41.20 -12.75 22.91
C SER B 98 -41.11 -11.41 22.17
N THR B 99 -40.60 -10.38 22.83
CA THR B 99 -40.61 -9.03 22.28
C THR B 99 -39.28 -8.67 21.63
N VAL B 100 -39.34 -7.73 20.68
CA VAL B 100 -38.24 -7.54 19.73
C VAL B 100 -36.98 -6.91 20.33
N PRO B 101 -37.05 -5.82 21.14
CA PRO B 101 -35.79 -5.33 21.74
C PRO B 101 -35.15 -6.29 22.72
N VAL B 102 -35.93 -7.19 23.32
CA VAL B 102 -35.35 -8.25 24.14
C VAL B 102 -34.56 -9.22 23.27
N PHE B 103 -35.09 -9.56 22.08
CA PHE B 103 -34.33 -10.36 21.11
C PHE B 103 -33.04 -9.66 20.72
N ALA B 104 -33.11 -8.37 20.38
CA ALA B 104 -31.95 -7.66 19.87
C ALA B 104 -30.88 -7.49 20.94
N ALA B 105 -31.26 -7.09 22.15
CA ALA B 105 -30.29 -6.88 23.22
C ALA B 105 -29.72 -8.19 23.74
N LEU B 106 -30.55 -9.23 23.82
CA LEU B 106 -30.05 -10.50 24.31
C LEU B 106 -29.17 -11.17 23.27
N TRP B 107 -29.40 -10.88 21.99
CA TRP B 107 -28.55 -11.45 20.96
C TRP B 107 -27.27 -10.63 20.78
N PHE B 108 -27.32 -9.33 21.11
CA PHE B 108 -26.12 -8.54 21.34
C PHE B 108 -25.26 -9.16 22.44
N LEU B 109 -25.90 -9.54 23.54
CA LEU B 109 -25.17 -10.10 24.68
C LEU B 109 -24.64 -11.50 24.35
N ASN B 110 -25.34 -12.21 23.46
CA ASN B 110 -24.79 -13.45 22.91
C ASN B 110 -23.58 -13.17 22.03
N GLY B 111 -23.61 -12.08 21.26
CA GLY B 111 -22.45 -11.73 20.46
C GLY B 111 -21.23 -11.41 21.30
N LEU B 112 -21.47 -10.79 22.46
CA LEU B 112 -20.41 -10.58 23.45
C LEU B 112 -19.85 -11.90 23.97
N ALA B 113 -20.73 -12.80 24.39
CA ALA B 113 -20.24 -14.06 24.94
C ALA B 113 -19.70 -15.00 23.87
N GLN B 114 -20.02 -14.77 22.60
CA GLN B 114 -19.42 -15.54 21.52
C GLN B 114 -18.04 -15.02 21.16
N GLY B 115 -17.84 -13.71 21.24
CA GLY B 115 -16.48 -13.21 21.15
C GLY B 115 -15.62 -13.66 22.30
N LEU B 116 -16.23 -13.87 23.47
CA LEU B 116 -15.49 -14.23 24.68
C LEU B 116 -15.01 -15.68 24.70
N GLY B 117 -15.09 -16.42 23.60
CA GLY B 117 -14.78 -17.84 23.63
C GLY B 117 -13.58 -18.39 22.87
N TRP B 118 -13.27 -17.87 21.69
CA TRP B 118 -12.16 -18.39 20.90
C TRP B 118 -10.74 -18.04 21.37
N PRO B 119 -10.42 -16.84 21.87
CA PRO B 119 -9.06 -16.60 22.42
C PRO B 119 -8.70 -17.47 23.61
N PRO B 120 -9.65 -17.96 24.44
CA PRO B 120 -9.28 -19.09 25.32
C PRO B 120 -8.82 -20.34 24.58
N CYS B 121 -9.45 -20.69 23.46
CA CYS B 121 -8.97 -21.81 22.67
C CYS B 121 -7.59 -21.55 22.10
N GLY B 122 -7.33 -20.32 21.68
CA GLY B 122 -6.01 -19.98 21.19
C GLY B 122 -4.94 -20.06 22.27
N LYS B 123 -5.27 -19.61 23.48
CA LYS B 123 -4.32 -19.68 24.60
C LYS B 123 -4.05 -21.13 24.99
N VAL B 124 -5.09 -21.97 25.04
CA VAL B 124 -4.89 -23.35 25.44
C VAL B 124 -4.13 -24.13 24.37
N LEU B 125 -4.42 -23.87 23.08
CA LEU B 125 -3.66 -24.51 22.02
C LEU B 125 -2.22 -24.03 21.99
N ARG B 126 -1.95 -22.78 22.39
CA ARG B 126 -0.57 -22.32 22.47
C ARG B 126 0.16 -23.01 23.62
N LYS B 127 -0.46 -23.05 24.80
CA LYS B 127 0.22 -23.57 25.98
C LYS B 127 0.33 -25.10 25.99
N TRP B 128 -0.46 -25.79 25.18
CA TRP B 128 -0.48 -27.25 25.24
C TRP B 128 0.11 -27.96 24.04
N PHE B 129 0.10 -27.35 22.86
CA PHE B 129 0.51 -28.04 21.66
C PHE B 129 1.83 -27.46 21.15
N GLU B 130 2.68 -28.36 20.65
CA GLU B 130 3.99 -27.99 20.14
C GLU B 130 3.82 -27.14 18.88
N PRO B 131 4.79 -26.29 18.54
CA PRO B 131 4.72 -25.56 17.27
C PRO B 131 4.81 -26.44 16.04
N SER B 132 5.34 -27.66 16.17
CA SER B 132 5.21 -28.66 15.12
C SER B 132 3.81 -29.27 15.06
N GLN B 133 2.95 -29.01 16.04
CA GLN B 133 1.61 -29.59 16.08
C GLN B 133 0.58 -28.57 16.48
N PHE B 134 0.79 -27.31 16.11
CA PHE B 134 -0.08 -26.22 16.52
C PHE B 134 -1.04 -25.79 15.41
N GLY B 135 -0.55 -25.66 14.19
CA GLY B 135 -1.41 -25.25 13.09
C GLY B 135 -2.43 -26.30 12.71
N THR B 136 -2.07 -27.58 12.82
CA THR B 136 -3.01 -28.63 12.43
C THR B 136 -4.15 -28.74 13.44
N TRP B 137 -3.87 -28.53 14.73
CA TRP B 137 -4.96 -28.61 15.69
C TRP B 137 -5.71 -27.29 15.83
N TRP B 138 -5.08 -26.18 15.48
CA TRP B 138 -5.82 -24.95 15.21
C TRP B 138 -6.82 -25.15 14.07
N ALA B 139 -6.38 -25.80 13.00
CA ALA B 139 -7.24 -26.02 11.84
C ALA B 139 -8.35 -27.00 12.14
N ILE B 140 -8.09 -28.01 12.98
CA ILE B 140 -9.18 -28.91 13.37
C ILE B 140 -10.11 -28.22 14.35
N LEU B 141 -9.60 -27.30 15.18
CA LEU B 141 -10.49 -26.61 16.09
C LEU B 141 -11.31 -25.52 15.38
N SER B 142 -10.89 -25.09 14.19
CA SER B 142 -11.77 -24.30 13.33
C SER B 142 -12.64 -25.17 12.42
N THR B 143 -12.21 -26.40 12.16
CA THR B 143 -13.09 -27.38 11.54
C THR B 143 -14.24 -27.75 12.46
N SER B 144 -14.08 -27.55 13.77
CA SER B 144 -15.22 -27.58 14.70
C SER B 144 -16.28 -26.55 14.32
N MET B 145 -15.84 -25.31 14.03
CA MET B 145 -16.75 -24.27 13.56
C MET B 145 -17.41 -24.67 12.25
N ASN B 146 -16.63 -25.19 11.32
CA ASN B 146 -17.20 -25.59 10.03
C ASN B 146 -18.16 -26.77 10.16
N LEU B 147 -17.88 -27.70 11.08
CA LEU B 147 -18.76 -28.83 11.31
C LEU B 147 -20.04 -28.39 12.00
N ALA B 148 -19.95 -27.41 12.89
CA ALA B 148 -21.15 -26.85 13.49
C ALA B 148 -21.99 -26.12 12.46
N GLY B 149 -21.35 -25.41 11.53
CA GLY B 149 -22.09 -24.77 10.45
C GLY B 149 -22.65 -25.75 9.44
N GLY B 150 -22.08 -26.94 9.33
CA GLY B 150 -22.60 -27.94 8.42
C GLY B 150 -23.72 -28.78 9.01
N LEU B 151 -23.60 -29.12 10.29
CA LEU B 151 -24.60 -29.93 10.97
C LEU B 151 -25.62 -29.09 11.72
N GLY B 152 -25.49 -27.77 11.68
CA GLY B 152 -26.42 -26.87 12.34
C GLY B 152 -27.77 -26.70 11.68
N PRO B 153 -27.82 -26.31 10.40
CA PRO B 153 -29.12 -26.24 9.72
C PRO B 153 -29.83 -27.58 9.61
N ILE B 154 -29.09 -28.69 9.56
CA ILE B 154 -29.71 -30.01 9.48
C ILE B 154 -30.41 -30.35 10.79
N LEU B 155 -29.68 -30.28 11.91
CA LEU B 155 -30.27 -30.60 13.20
C LEU B 155 -31.30 -29.56 13.62
N ALA B 156 -31.08 -28.30 13.27
CA ALA B 156 -32.05 -27.27 13.58
C ALA B 156 -33.31 -27.41 12.73
N THR B 157 -33.18 -27.88 11.49
CA THR B 157 -34.36 -28.11 10.66
C THR B 157 -35.15 -29.31 11.17
N ILE B 158 -34.45 -30.34 11.64
CA ILE B 158 -35.13 -31.49 12.23
C ILE B 158 -35.83 -31.10 13.54
N LEU B 159 -35.16 -30.32 14.39
CA LEU B 159 -35.77 -29.92 15.66
C LEU B 159 -36.84 -28.85 15.47
N ALA B 160 -36.82 -28.11 14.36
CA ALA B 160 -37.87 -27.16 14.07
C ALA B 160 -39.05 -27.81 13.36
N GLN B 161 -38.81 -28.92 12.65
CA GLN B 161 -39.92 -29.71 12.15
C GLN B 161 -40.62 -30.45 13.28
N SER B 162 -39.85 -31.00 14.22
CA SER B 162 -40.45 -31.76 15.32
C SER B 162 -40.97 -30.83 16.41
N TYR B 163 -40.09 -30.06 17.02
CA TYR B 163 -40.45 -29.17 18.11
C TYR B 163 -40.56 -27.73 17.59
N SER B 164 -40.73 -26.79 18.51
CA SER B 164 -40.79 -25.39 18.17
C SER B 164 -39.39 -24.77 18.26
N TRP B 165 -39.32 -23.46 18.02
CA TRP B 165 -38.05 -22.77 18.15
C TRP B 165 -37.69 -22.55 19.62
N ARG B 166 -38.70 -22.41 20.48
CA ARG B 166 -38.44 -22.24 21.91
C ARG B 166 -37.89 -23.52 22.52
N SER B 167 -38.43 -24.67 22.14
CA SER B 167 -37.93 -25.94 22.66
C SER B 167 -36.53 -26.23 22.15
N THR B 168 -36.25 -25.88 20.88
CA THR B 168 -34.93 -26.12 20.29
C THR B 168 -33.87 -25.22 20.93
N LEU B 169 -34.17 -23.93 21.05
CA LEU B 169 -33.28 -22.99 21.73
C LEU B 169 -33.10 -23.33 23.20
N ALA B 170 -34.14 -23.84 23.86
CA ALA B 170 -34.00 -24.22 25.26
C ALA B 170 -33.12 -25.45 25.42
N LEU B 171 -33.28 -26.44 24.55
CA LEU B 171 -32.41 -27.61 24.61
C LEU B 171 -30.97 -27.27 24.26
N SER B 172 -30.76 -26.35 23.31
CA SER B 172 -29.39 -25.98 22.95
C SER B 172 -28.74 -25.12 24.03
N GLY B 173 -29.51 -24.25 24.68
CA GLY B 173 -28.98 -23.49 25.79
C GLY B 173 -28.67 -24.35 27.00
N ALA B 174 -29.55 -25.32 27.30
CA ALA B 174 -29.27 -26.26 28.38
C ALA B 174 -28.07 -27.14 28.07
N LEU B 175 -27.88 -27.48 26.80
CA LEU B 175 -26.70 -28.24 26.42
C LEU B 175 -25.43 -27.42 26.61
N CYS B 176 -25.47 -26.12 26.30
CA CYS B 176 -24.31 -25.28 26.57
C CYS B 176 -24.05 -25.10 28.05
N VAL B 177 -25.10 -25.05 28.87
CA VAL B 177 -24.90 -24.96 30.32
C VAL B 177 -24.25 -26.23 30.87
N VAL B 178 -24.65 -27.39 30.33
CA VAL B 178 -24.03 -28.64 30.78
C VAL B 178 -22.59 -28.76 30.29
N VAL B 179 -22.35 -28.43 29.02
CA VAL B 179 -21.01 -28.54 28.45
C VAL B 179 -20.09 -27.43 28.99
N SER B 180 -20.64 -26.36 29.56
CA SER B 180 -19.78 -25.37 30.20
C SER B 180 -19.14 -25.93 31.46
N PHE B 181 -19.89 -26.67 32.27
CA PHE B 181 -19.28 -27.31 33.43
C PHE B 181 -18.39 -28.48 33.02
N LEU B 182 -18.75 -29.19 31.95
CA LEU B 182 -17.87 -30.26 31.48
C LEU B 182 -16.56 -29.73 30.91
N CYS B 183 -16.58 -28.54 30.31
CA CYS B 183 -15.35 -27.90 29.87
C CYS B 183 -14.65 -27.18 31.00
N LEU B 184 -15.33 -26.87 32.09
CA LEU B 184 -14.61 -26.41 33.28
C LEU B 184 -13.86 -27.56 33.93
N LEU B 185 -14.39 -28.78 33.82
CA LEU B 185 -13.75 -29.92 34.45
C LEU B 185 -12.73 -30.61 33.55
N LEU B 186 -12.82 -30.46 32.23
CA LEU B 186 -11.94 -31.20 31.31
C LEU B 186 -10.97 -30.32 30.54
N ILE B 187 -10.68 -29.12 31.03
CA ILE B 187 -9.70 -28.24 30.40
C ILE B 187 -8.68 -27.83 31.46
N HIS B 188 -7.41 -27.80 31.08
CA HIS B 188 -6.39 -27.19 31.91
C HIS B 188 -5.64 -26.19 31.06
N ASN B 189 -5.66 -24.92 31.47
CA ASN B 189 -5.13 -23.83 30.66
C ASN B 189 -3.61 -23.89 30.47
N GLU B 190 -2.91 -24.69 31.27
CA GLU B 190 -1.48 -24.93 31.09
C GLU B 190 -1.14 -26.24 31.78
N PRO B 191 -0.09 -26.94 31.32
CA PRO B 191 0.29 -28.20 31.98
C PRO B 191 0.94 -28.03 33.35
N ALA B 192 1.20 -26.81 33.78
CA ALA B 192 1.72 -26.58 35.12
C ALA B 192 0.70 -26.89 36.20
N ASP B 193 -0.59 -26.91 35.86
CA ASP B 193 -1.60 -27.27 36.86
C ASP B 193 -1.60 -28.77 37.11
N VAL B 194 -1.34 -29.56 36.08
CA VAL B 194 -1.24 -31.01 36.27
C VAL B 194 0.10 -31.37 36.88
N GLY B 195 1.18 -30.86 36.33
CA GLY B 195 2.50 -31.17 36.83
C GLY B 195 3.49 -31.31 35.71
N LEU B 196 2.98 -31.47 34.50
CA LEU B 196 3.81 -31.64 33.32
C LEU B 196 4.52 -30.33 32.98
N ARG B 197 5.56 -30.44 32.18
CA ARG B 197 6.37 -29.28 31.87
C ARG B 197 5.70 -28.42 30.81
N ASN B 198 5.97 -27.12 30.87
CA ASN B 198 5.47 -26.18 29.88
C ASN B 198 6.32 -26.26 28.61
N LEU B 199 6.05 -25.38 27.65
CA LEU B 199 6.69 -25.48 26.35
C LEU B 199 7.40 -24.18 26.00
N GLU B 214 7.80 -12.39 29.87
CA GLU B 214 8.48 -11.11 30.01
C GLU B 214 8.43 -10.36 28.68
N SER B 215 7.26 -9.79 28.38
CA SER B 215 7.05 -8.95 27.20
C SER B 215 5.83 -8.09 27.43
N THR B 216 5.92 -6.83 26.99
CA THR B 216 4.88 -5.86 27.21
C THR B 216 4.11 -5.60 25.92
N LEU B 217 2.92 -5.01 26.08
CA LEU B 217 2.06 -4.72 24.94
C LEU B 217 2.64 -3.63 24.05
N GLN B 218 3.41 -2.70 24.63
CA GLN B 218 4.08 -1.69 23.83
C GLN B 218 5.13 -2.33 22.91
N GLU B 219 5.84 -3.34 23.42
CA GLU B 219 6.81 -4.06 22.60
C GLU B 219 6.14 -4.96 21.57
N LEU B 220 4.88 -5.34 21.80
CA LEU B 220 4.12 -6.01 20.76
C LEU B 220 3.75 -5.04 19.64
N LEU B 221 3.16 -3.89 20.02
CA LEU B 221 2.64 -2.95 19.05
C LEU B 221 3.74 -2.30 18.24
N LEU B 222 4.93 -2.15 18.82
CA LEU B 222 6.04 -1.57 18.08
C LEU B 222 6.77 -2.59 17.21
N SER B 223 6.41 -3.86 17.29
CA SER B 223 7.01 -4.84 16.39
C SER B 223 6.34 -4.75 15.03
N PRO B 224 7.10 -4.60 13.93
CA PRO B 224 6.47 -4.36 12.63
C PRO B 224 5.82 -5.59 12.03
N TYR B 225 6.15 -6.78 12.53
CA TYR B 225 5.58 -7.99 11.94
C TYR B 225 4.11 -8.14 12.29
N LEU B 226 3.69 -7.60 13.44
CA LEU B 226 2.26 -7.61 13.77
C LEU B 226 1.46 -6.81 12.77
N TRP B 227 2.01 -5.70 12.29
CA TRP B 227 1.25 -4.88 11.37
C TRP B 227 1.43 -5.30 9.91
N VAL B 228 2.55 -5.93 9.56
CA VAL B 228 2.63 -6.63 8.29
C VAL B 228 1.63 -7.77 8.24
N LEU B 229 1.49 -8.50 9.35
CA LEU B 229 0.54 -9.58 9.46
C LEU B 229 -0.89 -9.06 9.45
N SER B 230 -1.10 -7.89 10.05
CA SER B 230 -2.42 -7.27 10.09
C SER B 230 -2.86 -6.81 8.71
N THR B 231 -1.98 -6.16 7.95
CA THR B 231 -2.35 -5.74 6.61
C THR B 231 -2.47 -6.93 5.67
N GLY B 232 -1.66 -7.96 5.88
CA GLY B 232 -1.81 -9.17 5.09
C GLY B 232 -3.15 -9.86 5.33
N TYR B 233 -3.58 -9.91 6.59
CA TYR B 233 -4.85 -10.55 6.88
C TYR B 233 -6.03 -9.67 6.54
N LEU B 234 -5.86 -8.35 6.64
CA LEU B 234 -6.78 -7.38 6.05
C LEU B 234 -7.04 -7.70 4.59
N VAL B 235 -5.98 -7.86 3.81
CA VAL B 235 -6.13 -8.09 2.38
C VAL B 235 -6.70 -9.47 2.09
N VAL B 236 -6.22 -10.52 2.78
CA VAL B 236 -6.68 -11.88 2.51
C VAL B 236 -8.14 -12.05 2.92
N PHE B 237 -8.52 -11.54 4.10
CA PHE B 237 -9.91 -11.64 4.51
C PHE B 237 -10.81 -10.73 3.69
N GLY B 238 -10.29 -9.59 3.24
CA GLY B 238 -11.08 -8.73 2.37
C GLY B 238 -11.36 -9.37 1.03
N VAL B 239 -10.35 -10.02 0.44
CA VAL B 239 -10.55 -10.68 -0.84
C VAL B 239 -11.41 -11.95 -0.68
N LYS B 240 -11.26 -12.66 0.45
CA LYS B 240 -12.16 -13.77 0.76
C LYS B 240 -13.60 -13.29 0.84
N THR B 241 -13.83 -12.18 1.54
CA THR B 241 -15.19 -11.72 1.73
C THR B 241 -15.75 -11.12 0.45
N CYS B 242 -14.89 -10.53 -0.39
CA CYS B 242 -15.27 -10.10 -1.73
C CYS B 242 -15.80 -11.26 -2.56
N CYS B 243 -15.01 -12.32 -2.68
CA CYS B 243 -15.43 -13.43 -3.52
C CYS B 243 -16.57 -14.22 -2.90
N THR B 244 -16.57 -14.37 -1.57
CA THR B 244 -17.63 -15.09 -0.88
C THR B 244 -18.97 -14.38 -0.99
N ASP B 245 -18.98 -13.05 -0.88
CA ASP B 245 -20.24 -12.34 -1.00
C ASP B 245 -20.67 -12.20 -2.44
N TRP B 246 -19.74 -11.93 -3.37
CA TRP B 246 -20.11 -11.45 -4.69
C TRP B 246 -19.68 -12.40 -5.81
N GLY B 247 -19.34 -13.65 -5.51
CA GLY B 247 -19.01 -14.57 -6.58
C GLY B 247 -20.24 -15.03 -7.33
N GLN B 248 -21.34 -15.23 -6.60
CA GLN B 248 -22.60 -15.52 -7.25
C GLN B 248 -23.06 -14.37 -8.12
N PHE B 249 -22.86 -13.13 -7.66
CA PHE B 249 -23.24 -11.98 -8.46
C PHE B 249 -22.30 -11.78 -9.64
N PHE B 250 -21.03 -12.12 -9.49
CA PHE B 250 -20.12 -12.05 -10.61
C PHE B 250 -20.42 -13.11 -11.66
N LEU B 251 -20.97 -14.26 -11.24
CA LEU B 251 -21.40 -15.25 -12.20
C LEU B 251 -22.78 -14.96 -12.79
N ILE B 252 -23.64 -14.24 -12.07
CA ILE B 252 -24.97 -13.93 -12.60
C ILE B 252 -24.93 -12.75 -13.55
N GLN B 253 -24.50 -11.57 -13.06
CA GLN B 253 -24.56 -10.37 -13.89
C GLN B 253 -23.48 -10.37 -14.96
N GLU B 254 -22.22 -10.55 -14.55
CA GLU B 254 -21.14 -10.38 -15.51
C GLU B 254 -20.93 -11.63 -16.34
N LYS B 255 -20.59 -12.75 -15.70
CA LYS B 255 -20.18 -13.94 -16.43
C LYS B 255 -21.33 -14.72 -17.04
N GLY B 256 -22.58 -14.42 -16.67
CA GLY B 256 -23.72 -15.02 -17.34
C GLY B 256 -23.96 -16.48 -17.03
N GLN B 257 -23.60 -16.94 -15.84
CA GLN B 257 -23.93 -18.28 -15.42
C GLN B 257 -25.32 -18.32 -14.79
N SER B 258 -25.80 -19.51 -14.50
CA SER B 258 -27.09 -19.67 -13.84
C SER B 258 -26.91 -19.55 -12.33
N ALA B 259 -28.03 -19.55 -11.60
CA ALA B 259 -27.97 -19.46 -10.15
C ALA B 259 -27.47 -20.74 -9.52
N LEU B 260 -27.73 -21.89 -10.17
CA LEU B 260 -27.21 -23.16 -9.69
C LEU B 260 -25.69 -23.22 -9.82
N VAL B 261 -25.13 -22.60 -10.86
CA VAL B 261 -23.68 -22.55 -11.02
C VAL B 261 -23.06 -21.68 -9.94
N GLY B 262 -23.71 -20.59 -9.56
CA GLY B 262 -23.20 -19.77 -8.47
C GLY B 262 -23.31 -20.44 -7.12
N SER B 263 -24.39 -21.20 -6.90
CA SER B 263 -24.53 -21.94 -5.66
C SER B 263 -23.51 -23.07 -5.57
N SER B 264 -23.25 -23.74 -6.69
CA SER B 264 -22.21 -24.76 -6.71
C SER B 264 -20.82 -24.15 -6.56
N TYR B 265 -20.62 -22.94 -7.07
CA TYR B 265 -19.36 -22.22 -6.88
C TYR B 265 -19.13 -21.89 -5.42
N MET B 266 -20.17 -21.41 -4.73
CA MET B 266 -20.05 -21.16 -3.29
C MET B 266 -19.85 -22.45 -2.50
N SER B 267 -20.52 -23.53 -2.89
CA SER B 267 -20.36 -24.79 -2.18
C SER B 267 -18.97 -25.38 -2.40
N ALA B 268 -18.44 -25.27 -3.61
CA ALA B 268 -17.08 -25.72 -3.88
C ALA B 268 -16.06 -24.84 -3.18
N LEU B 269 -16.33 -23.54 -3.05
CA LEU B 269 -15.43 -22.66 -2.32
C LEU B 269 -15.44 -22.98 -0.83
N GLU B 270 -16.59 -23.35 -0.29
CA GLU B 270 -16.65 -23.70 1.13
C GLU B 270 -15.98 -25.05 1.41
N VAL B 271 -16.21 -26.05 0.57
CA VAL B 271 -15.59 -27.37 0.79
C VAL B 271 -14.09 -27.29 0.56
N GLY B 272 -13.67 -26.59 -0.50
CA GLY B 272 -12.26 -26.33 -0.71
C GLY B 272 -11.65 -25.47 0.38
N GLY B 273 -12.45 -24.63 1.02
CA GLY B 273 -11.92 -23.83 2.11
C GLY B 273 -11.72 -24.62 3.38
N LEU B 274 -12.63 -25.54 3.66
CA LEU B 274 -12.45 -26.48 4.77
C LEU B 274 -11.17 -27.30 4.57
N VAL B 275 -11.01 -27.89 3.39
CA VAL B 275 -9.80 -28.68 3.15
C VAL B 275 -8.58 -27.77 3.00
N GLY B 276 -8.76 -26.49 2.69
CA GLY B 276 -7.66 -25.57 2.58
C GLY B 276 -7.12 -25.14 3.92
N SER B 277 -8.03 -24.90 4.87
CA SER B 277 -7.63 -24.62 6.24
C SER B 277 -6.92 -25.81 6.86
N ILE B 278 -7.47 -27.01 6.67
CA ILE B 278 -6.86 -28.21 7.25
C ILE B 278 -5.50 -28.51 6.61
N ALA B 279 -5.41 -28.41 5.28
CA ALA B 279 -4.15 -28.67 4.59
C ALA B 279 -3.12 -27.59 4.88
N ALA B 280 -3.56 -26.34 5.08
CA ALA B 280 -2.64 -25.28 5.46
C ALA B 280 -2.05 -25.52 6.83
N GLY B 281 -2.89 -25.90 7.79
CA GLY B 281 -2.38 -26.21 9.12
C GLY B 281 -1.43 -27.38 9.13
N TYR B 282 -1.79 -28.46 8.43
CA TYR B 282 -0.95 -29.66 8.47
C TYR B 282 0.37 -29.47 7.72
N LEU B 283 0.33 -28.93 6.51
CA LEU B 283 1.56 -28.78 5.74
C LEU B 283 2.42 -27.65 6.29
N SER B 284 1.80 -26.64 6.90
CA SER B 284 2.57 -25.60 7.56
C SER B 284 3.21 -26.10 8.84
N ASP B 285 2.58 -27.04 9.54
CA ASP B 285 3.26 -27.66 10.67
C ASP B 285 4.37 -28.59 10.22
N ARG B 286 4.25 -29.20 9.04
CA ARG B 286 5.37 -29.95 8.48
C ARG B 286 6.56 -29.04 8.20
N ALA B 287 6.30 -27.86 7.62
CA ALA B 287 7.37 -26.90 7.37
C ALA B 287 7.95 -26.36 8.67
N MET B 288 7.10 -26.10 9.66
CA MET B 288 7.55 -25.63 10.97
C MET B 288 8.35 -26.69 11.72
N ALA B 289 8.05 -27.97 11.47
CA ALA B 289 8.83 -29.05 12.06
C ALA B 289 10.18 -29.20 11.38
N LYS B 290 10.22 -29.03 10.06
CA LYS B 290 11.49 -29.14 9.35
C LYS B 290 12.42 -28.00 9.71
N ALA B 291 11.98 -26.76 9.52
CA ALA B 291 12.81 -25.60 9.80
C ALA B 291 12.67 -25.22 11.27
N GLY B 292 13.15 -24.02 11.63
CA GLY B 292 12.98 -23.54 12.99
C GLY B 292 14.26 -23.18 13.72
N LEU B 293 15.30 -22.81 12.98
CA LEU B 293 16.57 -22.49 13.59
C LEU B 293 16.74 -21.00 13.85
N SER B 294 16.12 -20.13 13.05
CA SER B 294 16.37 -18.70 13.10
C SER B 294 15.20 -17.96 13.73
N ASN B 295 15.49 -16.74 14.19
CA ASN B 295 14.47 -15.84 14.72
C ASN B 295 13.82 -15.00 13.64
N TYR B 296 14.49 -14.79 12.52
CA TYR B 296 13.95 -14.03 11.41
C TYR B 296 13.23 -14.95 10.44
N GLY B 297 12.17 -14.45 9.83
CA GLY B 297 11.37 -15.26 8.96
C GLY B 297 10.49 -16.22 9.74
N ASN B 298 9.74 -17.01 8.99
CA ASN B 298 8.77 -17.89 9.60
C ASN B 298 8.64 -19.05 8.62
N PRO B 299 8.76 -20.30 9.07
CA PRO B 299 8.53 -21.43 8.17
C PRO B 299 7.10 -21.56 7.67
N ARG B 300 6.14 -20.83 8.26
CA ARG B 300 4.77 -20.83 7.78
C ARG B 300 4.57 -19.87 6.61
N HIS B 301 5.49 -18.92 6.40
CA HIS B 301 5.48 -18.11 5.20
C HIS B 301 5.69 -18.95 3.95
N GLY B 302 6.43 -20.05 4.06
CA GLY B 302 6.71 -20.94 2.96
C GLY B 302 5.54 -21.78 2.46
N LEU B 303 4.36 -21.52 3.01
CA LEU B 303 3.11 -21.97 2.42
C LEU B 303 2.03 -20.91 2.44
N LEU B 304 2.12 -19.91 3.32
CA LEU B 304 1.28 -18.72 3.23
C LEU B 304 1.48 -17.99 1.91
N LEU B 305 2.71 -17.95 1.41
CA LEU B 305 2.99 -17.27 0.15
C LEU B 305 2.47 -18.05 -1.05
N PHE B 306 2.62 -19.38 -1.02
CA PHE B 306 2.07 -20.21 -2.11
C PHE B 306 0.56 -20.12 -2.14
N MET B 307 -0.08 -20.03 -0.97
CA MET B 307 -1.54 -19.91 -1.00
C MET B 307 -2.02 -18.51 -1.35
N MET B 308 -1.27 -17.46 -1.02
CA MET B 308 -1.67 -16.13 -1.51
C MET B 308 -1.45 -16.01 -3.01
N ALA B 309 -0.40 -16.64 -3.54
CA ALA B 309 -0.25 -16.74 -4.99
C ALA B 309 -1.34 -17.61 -5.60
N GLY B 310 -1.84 -18.59 -4.85
CA GLY B 310 -2.98 -19.35 -5.33
C GLY B 310 -4.26 -18.51 -5.41
N MET B 311 -4.44 -17.59 -4.46
CA MET B 311 -5.52 -16.61 -4.56
C MET B 311 -5.38 -15.75 -5.81
N THR B 312 -4.16 -15.26 -6.06
CA THR B 312 -3.91 -14.42 -7.24
C THR B 312 -4.20 -15.17 -8.54
N VAL B 313 -3.66 -16.39 -8.67
CA VAL B 313 -3.86 -17.21 -9.86
C VAL B 313 -5.33 -17.59 -10.01
N SER B 314 -6.02 -17.84 -8.89
CA SER B 314 -7.43 -18.23 -8.96
C SER B 314 -8.31 -17.07 -9.38
N MET B 315 -8.04 -15.86 -8.86
CA MET B 315 -8.83 -14.71 -9.29
C MET B 315 -8.55 -14.33 -10.72
N TYR B 316 -7.29 -14.49 -11.18
CA TYR B 316 -6.98 -14.21 -12.56
C TYR B 316 -7.67 -15.19 -13.50
N LEU B 317 -7.54 -16.50 -13.22
CA LEU B 317 -8.15 -17.49 -14.07
C LEU B 317 -9.67 -17.50 -13.97
N PHE B 318 -10.23 -17.03 -12.86
CA PHE B 318 -11.67 -16.90 -12.76
C PHE B 318 -12.17 -15.62 -13.41
N ARG B 319 -11.32 -14.62 -13.57
CA ARG B 319 -11.79 -13.41 -14.21
C ARG B 319 -11.61 -13.44 -15.72
N VAL B 320 -10.46 -13.89 -16.23
CA VAL B 320 -10.25 -13.78 -17.67
C VAL B 320 -10.58 -15.07 -18.41
N THR B 321 -10.52 -16.21 -17.74
CA THR B 321 -10.80 -17.49 -18.39
C THR B 321 -12.10 -18.10 -17.91
N VAL B 322 -13.12 -17.27 -17.71
CA VAL B 322 -14.47 -17.72 -17.47
C VAL B 322 -15.39 -16.96 -18.41
N THR B 323 -16.10 -17.70 -19.26
CA THR B 323 -17.12 -17.15 -20.13
C THR B 323 -18.46 -17.80 -19.78
N SER B 324 -19.48 -17.51 -20.57
CA SER B 324 -20.72 -18.26 -20.45
C SER B 324 -20.59 -19.67 -20.99
N ASP B 325 -19.61 -19.90 -21.87
CA ASP B 325 -19.39 -21.21 -22.49
C ASP B 325 -18.36 -22.05 -21.76
N SER B 326 -17.74 -21.54 -20.70
CA SER B 326 -16.86 -22.35 -19.89
C SER B 326 -17.68 -23.35 -19.07
N PRO B 327 -17.20 -24.57 -18.89
CA PRO B 327 -18.01 -25.60 -18.23
C PRO B 327 -18.16 -25.35 -16.74
N LYS B 328 -19.10 -26.08 -16.15
CA LYS B 328 -19.35 -25.98 -14.72
C LYS B 328 -18.21 -26.57 -13.91
N LEU B 329 -17.51 -27.56 -14.47
CA LEU B 329 -16.40 -28.19 -13.78
C LEU B 329 -15.24 -27.22 -13.61
N TRP B 330 -15.03 -26.33 -14.60
CA TRP B 330 -14.00 -25.31 -14.45
C TRP B 330 -14.37 -24.30 -13.38
N ILE B 331 -15.66 -23.98 -13.25
CA ILE B 331 -16.12 -23.09 -12.18
C ILE B 331 -15.95 -23.74 -10.83
N LEU B 332 -16.24 -25.04 -10.72
CA LEU B 332 -16.06 -25.76 -9.46
C LEU B 332 -14.59 -25.86 -9.08
N VAL B 333 -13.72 -26.08 -10.07
CA VAL B 333 -12.28 -26.13 -9.81
C VAL B 333 -11.77 -24.76 -9.37
N LEU B 334 -12.28 -23.67 -9.97
CA LEU B 334 -11.84 -22.35 -9.54
C LEU B 334 -12.37 -21.98 -8.16
N GLY B 335 -13.61 -22.38 -7.86
CA GLY B 335 -14.14 -22.19 -6.53
C GLY B 335 -13.36 -22.96 -5.49
N ALA B 336 -13.04 -24.22 -5.77
CA ALA B 336 -12.34 -25.06 -4.81
C ALA B 336 -10.90 -24.60 -4.60
N VAL B 337 -10.22 -24.21 -5.68
CA VAL B 337 -8.83 -23.78 -5.55
C VAL B 337 -8.74 -22.42 -4.89
N PHE B 338 -9.69 -21.52 -5.18
CA PHE B 338 -9.70 -20.26 -4.45
C PHE B 338 -10.09 -20.46 -2.98
N GLY B 339 -10.98 -21.41 -2.69
CA GLY B 339 -11.33 -21.65 -1.31
C GLY B 339 -10.18 -22.23 -0.52
N PHE B 340 -9.47 -23.19 -1.14
CA PHE B 340 -8.19 -23.70 -0.63
C PHE B 340 -7.23 -22.56 -0.32
N SER B 341 -6.88 -21.80 -1.35
CA SER B 341 -5.90 -20.74 -1.29
C SER B 341 -6.35 -19.54 -0.47
N SER B 342 -7.63 -19.48 -0.07
CA SER B 342 -8.16 -18.35 0.67
C SER B 342 -8.44 -18.65 2.14
N TYR B 343 -9.09 -19.77 2.45
CA TYR B 343 -9.25 -20.11 3.86
C TYR B 343 -8.00 -20.73 4.45
N GLY B 344 -7.02 -21.10 3.64
CA GLY B 344 -5.73 -21.48 4.14
C GLY B 344 -5.00 -20.36 4.86
N PRO B 345 -4.74 -19.25 4.16
CA PRO B 345 -4.12 -18.09 4.80
C PRO B 345 -4.87 -17.48 5.96
N ILE B 346 -6.19 -17.64 6.06
CA ILE B 346 -6.90 -17.10 7.21
C ILE B 346 -6.55 -17.90 8.47
N ALA B 347 -6.55 -19.22 8.35
CA ALA B 347 -6.02 -20.07 9.41
C ALA B 347 -4.55 -19.81 9.66
N LEU B 348 -3.77 -19.50 8.62
CA LEU B 348 -2.36 -19.27 8.82
C LEU B 348 -2.08 -17.93 9.48
N PHE B 349 -2.86 -16.88 9.18
CA PHE B 349 -2.66 -15.63 9.90
C PHE B 349 -3.11 -15.76 11.34
N GLY B 350 -4.12 -16.59 11.61
CA GLY B 350 -4.43 -16.93 13.00
C GLY B 350 -3.29 -17.66 13.71
N VAL B 351 -2.73 -18.68 13.04
CA VAL B 351 -1.66 -19.49 13.63
C VAL B 351 -0.41 -18.66 13.83
N ILE B 352 -0.09 -17.76 12.91
CA ILE B 352 1.10 -16.93 13.04
C ILE B 352 0.88 -15.84 14.09
N ALA B 353 -0.32 -15.24 14.15
CA ALA B 353 -0.57 -14.25 15.19
C ALA B 353 -0.64 -14.86 16.58
N ASN B 354 -0.81 -16.18 16.68
CA ASN B 354 -0.70 -16.86 17.97
C ASN B 354 0.69 -17.45 18.23
N GLU B 355 1.45 -17.85 17.21
CA GLU B 355 2.79 -18.38 17.41
C GLU B 355 3.83 -17.29 17.60
N SER B 356 3.88 -16.33 16.69
CA SER B 356 4.94 -15.33 16.64
C SER B 356 4.83 -14.29 17.75
N ALA B 357 3.81 -14.32 18.52
CA ALA B 357 3.54 -13.49 19.67
C ALA B 357 4.21 -14.05 20.91
N PRO B 358 4.43 -13.23 21.94
CA PRO B 358 4.90 -13.76 23.22
C PRO B 358 3.84 -14.63 23.86
N PRO B 359 4.24 -15.60 24.69
CA PRO B 359 3.28 -16.61 25.17
C PRO B 359 2.23 -16.08 26.14
N ASN B 360 2.46 -14.94 26.77
CA ASN B 360 1.50 -14.35 27.67
C ASN B 360 0.79 -13.16 27.06
N LEU B 361 0.95 -12.97 25.76
CA LEU B 361 0.36 -11.84 25.06
C LEU B 361 0.03 -12.26 23.64
N CYS B 362 -0.37 -13.52 23.50
CA CYS B 362 -0.70 -14.06 22.20
C CYS B 362 -2.15 -13.85 21.82
N GLY B 363 -3.06 -13.90 22.79
CA GLY B 363 -4.44 -13.59 22.51
C GLY B 363 -4.65 -12.14 22.11
N THR B 364 -3.87 -11.23 22.72
CA THR B 364 -3.94 -9.83 22.34
C THR B 364 -3.41 -9.61 20.93
N SER B 365 -2.29 -10.26 20.61
CA SER B 365 -1.77 -10.19 19.25
C SER B 365 -2.68 -10.83 18.21
N HIS B 366 -3.52 -11.80 18.62
CA HIS B 366 -4.51 -12.34 17.70
C HIS B 366 -5.73 -11.43 17.55
N ALA B 367 -6.13 -10.75 18.63
CA ALA B 367 -7.27 -9.85 18.56
C ALA B 367 -6.95 -8.61 17.72
N ILE B 368 -5.69 -8.18 17.72
CA ILE B 368 -5.29 -7.06 16.87
C ILE B 368 -5.42 -7.42 15.39
N VAL B 369 -5.23 -8.69 15.04
CA VAL B 369 -5.41 -9.11 13.67
C VAL B 369 -6.89 -9.37 13.33
N GLY B 370 -7.70 -9.80 14.31
CA GLY B 370 -9.14 -9.87 14.09
C GLY B 370 -9.81 -8.51 13.92
N LEU B 371 -9.20 -7.47 14.49
CA LEU B 371 -9.67 -6.11 14.21
C LEU B 371 -9.54 -5.78 12.72
N MET B 372 -8.44 -6.20 12.11
CA MET B 372 -8.27 -6.00 10.68
C MET B 372 -9.13 -6.93 9.86
N ALA B 373 -9.56 -8.07 10.44
CA ALA B 373 -10.63 -8.84 9.80
C ALA B 373 -11.90 -8.03 9.68
N ASN B 374 -12.25 -7.28 10.74
CA ASN B 374 -13.44 -6.43 10.66
C ASN B 374 -13.29 -5.33 9.61
N VAL B 375 -12.08 -4.74 9.54
CA VAL B 375 -11.84 -3.69 8.56
C VAL B 375 -11.91 -4.26 7.13
N GLY B 376 -11.40 -5.47 6.92
CA GLY B 376 -11.49 -6.10 5.62
C GLY B 376 -12.90 -6.51 5.25
N GLY B 377 -13.71 -6.88 6.23
CA GLY B 377 -15.11 -7.15 5.97
C GLY B 377 -15.87 -5.94 5.52
N PHE B 378 -15.58 -4.77 6.13
CA PHE B 378 -16.21 -3.54 5.65
C PHE B 378 -15.73 -3.14 4.27
N LEU B 379 -14.42 -3.28 4.00
CA LEU B 379 -13.87 -2.93 2.70
C LEU B 379 -14.35 -3.85 1.60
N ALA B 380 -14.71 -5.09 1.94
CA ALA B 380 -15.31 -5.97 0.95
C ALA B 380 -16.80 -5.72 0.80
N GLY B 381 -17.45 -5.24 1.85
CA GLY B 381 -18.87 -4.96 1.72
C GLY B 381 -19.19 -3.72 0.94
N LEU B 382 -18.85 -2.54 1.45
CA LEU B 382 -19.36 -1.35 0.77
C LEU B 382 -18.52 -0.82 -0.40
N PRO B 383 -17.19 -0.62 -0.30
CA PRO B 383 -16.49 -0.04 -1.47
C PRO B 383 -16.38 -0.99 -2.63
N PHE B 384 -16.32 -2.30 -2.39
CA PHE B 384 -16.26 -3.26 -3.48
C PHE B 384 -17.55 -3.27 -4.27
N SER B 385 -18.69 -3.18 -3.58
CA SER B 385 -19.98 -3.03 -4.26
C SER B 385 -20.09 -1.69 -4.96
N THR B 386 -19.46 -0.64 -4.42
CA THR B 386 -19.51 0.66 -5.09
C THR B 386 -18.71 0.66 -6.39
N ILE B 387 -17.51 0.06 -6.36
CA ILE B 387 -16.69 -0.07 -7.56
C ILE B 387 -17.38 -0.96 -8.59
N ALA B 388 -18.06 -2.02 -8.11
CA ALA B 388 -18.79 -2.89 -9.03
C ALA B 388 -20.01 -2.20 -9.61
N LYS B 389 -20.62 -1.28 -8.87
CA LYS B 389 -21.75 -0.52 -9.40
C LYS B 389 -21.29 0.49 -10.44
N HIS B 390 -20.19 1.20 -10.19
CA HIS B 390 -19.78 2.26 -11.09
C HIS B 390 -19.13 1.72 -12.36
N TYR B 391 -17.99 1.03 -12.22
CA TYR B 391 -17.23 0.66 -13.41
C TYR B 391 -17.78 -0.60 -14.07
N SER B 392 -17.64 -1.75 -13.40
CA SER B 392 -18.04 -3.06 -13.90
C SER B 392 -17.77 -4.05 -12.77
N TRP B 393 -18.22 -5.28 -12.98
CA TRP B 393 -17.95 -6.33 -11.99
C TRP B 393 -16.52 -6.85 -12.13
N SER B 394 -16.06 -7.02 -13.37
CA SER B 394 -14.71 -7.51 -13.59
C SER B 394 -13.68 -6.47 -13.20
N THR B 395 -14.03 -5.19 -13.29
CA THR B 395 -13.13 -4.15 -12.80
C THR B 395 -13.00 -4.19 -11.27
N ALA B 396 -14.09 -4.50 -10.57
CA ALA B 396 -14.05 -4.55 -9.11
C ALA B 396 -13.29 -5.78 -8.63
N PHE B 397 -13.61 -6.96 -9.18
CA PHE B 397 -12.85 -8.15 -8.86
C PHE B 397 -11.40 -8.07 -9.34
N TRP B 398 -11.12 -7.27 -10.36
CA TRP B 398 -9.75 -7.05 -10.74
C TRP B 398 -9.03 -6.12 -9.78
N VAL B 399 -9.74 -5.15 -9.21
CA VAL B 399 -9.14 -4.32 -8.16
C VAL B 399 -8.81 -5.17 -6.94
N ALA B 400 -9.70 -6.10 -6.60
CA ALA B 400 -9.41 -7.04 -5.51
C ALA B 400 -8.25 -7.96 -5.87
N GLU B 401 -8.14 -8.35 -7.14
CA GLU B 401 -7.01 -9.16 -7.61
C GLU B 401 -5.70 -8.38 -7.52
N VAL B 402 -5.73 -7.10 -7.87
CA VAL B 402 -4.54 -6.26 -7.79
C VAL B 402 -4.12 -6.06 -6.35
N ILE B 403 -5.08 -5.85 -5.44
CA ILE B 403 -4.76 -5.70 -4.03
C ILE B 403 -4.18 -6.99 -3.47
N CYS B 404 -4.76 -8.13 -3.83
CA CYS B 404 -4.27 -9.41 -3.33
C CYS B 404 -2.90 -9.77 -3.91
N ALA B 405 -2.67 -9.45 -5.19
CA ALA B 405 -1.39 -9.81 -5.79
C ALA B 405 -0.28 -8.85 -5.39
N ALA B 406 -0.59 -7.56 -5.25
CA ALA B 406 0.38 -6.61 -4.72
C ALA B 406 0.69 -6.90 -3.27
N SER B 407 -0.28 -7.38 -2.49
CA SER B 407 0.02 -7.78 -1.13
C SER B 407 0.77 -9.11 -1.07
N THR B 408 0.55 -10.00 -2.05
CA THR B 408 1.35 -11.21 -2.12
C THR B 408 2.80 -10.88 -2.45
N ALA B 409 3.03 -9.90 -3.32
CA ALA B 409 4.39 -9.45 -3.59
C ALA B 409 5.00 -8.76 -2.38
N ALA B 410 4.24 -7.86 -1.73
CA ALA B 410 4.74 -7.11 -0.59
C ALA B 410 4.97 -8.01 0.61
N PHE B 411 4.28 -9.14 0.70
CA PHE B 411 4.52 -10.09 1.77
C PHE B 411 5.56 -11.13 1.38
N PHE B 412 5.80 -11.33 0.09
CA PHE B 412 6.96 -12.12 -0.31
C PHE B 412 8.24 -11.39 -0.02
N LEU B 413 8.24 -10.06 -0.18
CA LEU B 413 9.41 -9.29 0.18
C LEU B 413 9.62 -9.30 1.68
N LEU B 414 8.54 -9.11 2.45
CA LEU B 414 8.60 -9.02 3.91
C LEU B 414 8.53 -10.38 4.60
N ARG B 415 8.95 -11.45 3.93
CA ARG B 415 8.85 -12.78 4.51
C ARG B 415 9.97 -13.09 5.49
N ASN B 416 11.04 -12.29 5.53
CA ASN B 416 12.18 -12.56 6.38
C ASN B 416 12.45 -11.43 7.37
N ILE B 417 11.41 -10.71 7.77
CA ILE B 417 11.55 -9.71 8.82
C ILE B 417 11.50 -10.42 10.16
N ARG B 418 11.82 -9.71 11.23
CA ARG B 418 11.81 -10.30 12.57
C ARG B 418 10.39 -10.66 12.96
N THR B 419 10.10 -11.96 12.97
CA THR B 419 8.74 -12.42 13.22
C THR B 419 8.44 -12.60 14.69
N LYS B 420 9.43 -12.94 15.51
CA LYS B 420 9.19 -13.14 16.94
C LYS B 420 8.89 -11.79 17.59
N MET B 421 7.61 -11.53 17.79
CA MET B 421 7.15 -10.27 18.33
C MET B 421 7.55 -10.15 19.80
N GLY B 422 7.71 -8.92 20.27
CA GLY B 422 8.07 -8.65 21.64
C GLY B 422 9.42 -7.98 21.74
N ARG B 423 10.16 -8.31 22.79
CA ARG B 423 11.44 -7.67 23.03
C ARG B 423 12.50 -8.23 22.09
N VAL B 424 13.66 -7.56 22.08
CA VAL B 424 14.77 -7.90 21.20
C VAL B 424 15.93 -8.37 22.08
N SER B 425 16.34 -9.61 21.90
CA SER B 425 17.41 -10.18 22.70
C SER B 425 18.16 -11.27 21.93
P PO4 C . 13.06 20.02 -8.76
O1 PO4 C . 14.56 20.15 -8.87
O2 PO4 C . 12.41 21.16 -9.50
O3 PO4 C . 12.62 18.72 -9.37
O4 PO4 C . 12.66 20.06 -7.31
P PO4 D . -15.74 -15.68 12.44
O1 PO4 D . -16.71 -16.65 11.83
O2 PO4 D . -15.62 -15.95 13.92
O3 PO4 D . -14.38 -15.85 11.80
O4 PO4 D . -16.22 -14.27 12.20
#